data_2ZTS
#
_entry.id   2ZTS
#
_cell.length_a   173.655
_cell.length_b   51.807
_cell.length_c   97.468
_cell.angle_alpha   90.000
_cell.angle_beta   122.830
_cell.angle_gamma   90.000
#
_symmetry.space_group_name_H-M   'C 1 2 1'
#
loop_
_entity.id
_entity.type
_entity.pdbx_description
1 polymer 'Putative uncharacterized protein PH0186'
2 non-polymer "ADENOSINE-5'-DIPHOSPHATE"
3 non-polymer 'MAGNESIUM ION'
4 water water
#
_entity_poly.entity_id   1
_entity_poly.type   'polypeptide(L)'
_entity_poly.pdbx_seq_one_letter_code
;(MSE)RI(MSE)AYQPVRRVKSGIPGFDELIEGGFPEGTTVLLTGGTGTGKTTFAAQFIYKGAEEYGEPGVFVTLEERAR
DLRRE(MSE)ASFGWDFEKYEKEGKIAIVDGVSSVVGLPSEEKFVLEDRFNVDNFLRYIYRVVKAINAKRLVIDSIPSIA
LRLEEERKIREVLLKLNTILLE(MSE)GVTTILTTEAPDPQHGKLSRYGIEEFIARGVIVLDLQEKNIELKRYVLIRK
(MSE)RETRHS(MSE)KKYPFEIGPNGIVVYPSGEIY
;
_entity_poly.pdbx_strand_id   A,B,C
#
# COMPACT_ATOMS: atom_id res chain seq x y z
N PRO A 8 28.26 -10.32 5.46
CA PRO A 8 28.68 -11.27 6.57
C PRO A 8 27.84 -11.16 7.88
N VAL A 9 26.60 -11.62 7.86
CA VAL A 9 25.64 -11.29 8.96
C VAL A 9 25.73 -12.33 10.09
N ARG A 10 25.96 -11.86 11.31
CA ARG A 10 26.05 -12.68 12.50
C ARG A 10 24.66 -13.19 12.94
N ARG A 11 24.60 -14.50 13.17
CA ARG A 11 23.35 -15.21 13.44
C ARG A 11 23.19 -15.74 14.85
N VAL A 12 21.98 -15.56 15.39
CA VAL A 12 21.63 -15.92 16.76
C VAL A 12 20.77 -17.17 16.68
N LYS A 13 21.33 -18.24 17.22
CA LYS A 13 20.71 -19.55 17.21
C LYS A 13 19.44 -19.56 18.04
N SER A 14 18.38 -20.16 17.47
CA SER A 14 16.99 -20.12 18.00
C SER A 14 16.85 -20.93 19.24
N GLY A 15 17.51 -22.08 19.25
CA GLY A 15 17.38 -23.02 20.33
C GLY A 15 16.30 -24.03 20.06
N ILE A 16 15.75 -24.01 18.84
CA ILE A 16 14.62 -24.88 18.48
C ILE A 16 15.06 -25.82 17.35
N PRO A 17 15.24 -27.10 17.67
CA PRO A 17 15.69 -28.05 16.67
C PRO A 17 14.85 -27.96 15.40
N GLY A 18 15.51 -27.93 14.26
CA GLY A 18 14.85 -27.97 12.97
C GLY A 18 14.50 -26.56 12.45
N PHE A 19 14.70 -25.54 13.26
CA PHE A 19 14.26 -24.19 12.92
C PHE A 19 15.40 -23.35 12.34
N ASP A 20 16.62 -23.50 12.84
CA ASP A 20 17.72 -22.64 12.36
C ASP A 20 18.01 -22.82 10.88
N GLU A 21 17.89 -24.04 10.42
CA GLU A 21 18.13 -24.39 9.04
C GLU A 21 17.12 -23.72 8.08
N LEU A 22 16.01 -23.20 8.62
CA LEU A 22 15.04 -22.51 7.80
C LEU A 22 15.44 -21.05 7.61
N ILE A 23 16.31 -20.55 8.45
CA ILE A 23 16.69 -19.13 8.46
C ILE A 23 18.22 -18.92 8.35
N GLU A 24 18.85 -19.77 7.54
CA GLU A 24 20.28 -19.70 7.21
C GLU A 24 21.13 -19.71 8.45
N GLY A 25 20.74 -20.48 9.47
CA GLY A 25 21.55 -20.53 10.66
C GLY A 25 21.08 -19.81 11.89
N GLY A 26 20.15 -18.87 11.78
CA GLY A 26 19.69 -18.13 12.94
C GLY A 26 19.09 -16.79 12.61
N PHE A 27 18.58 -16.12 13.64
CA PHE A 27 18.14 -14.72 13.54
C PHE A 27 19.30 -13.75 13.33
N PRO A 28 19.24 -12.83 12.36
CA PRO A 28 20.28 -11.81 12.29
C PRO A 28 20.29 -11.01 13.56
N GLU A 29 21.50 -10.77 14.04
CA GLU A 29 21.74 -10.19 15.36
C GLU A 29 21.12 -8.81 15.38
N GLY A 30 20.42 -8.47 16.46
CA GLY A 30 19.77 -7.18 16.54
C GLY A 30 18.34 -7.09 16.01
N THR A 31 17.83 -8.15 15.39
CA THR A 31 16.50 -8.15 14.76
C THR A 31 15.41 -8.18 15.84
N THR A 32 14.34 -7.44 15.62
CA THR A 32 13.10 -7.69 16.32
C THR A 32 12.15 -8.57 15.54
N VAL A 33 11.77 -9.72 16.10
CA VAL A 33 10.94 -10.72 15.45
C VAL A 33 9.54 -10.79 16.09
N LEU A 34 8.51 -10.57 15.26
CA LEU A 34 7.15 -10.75 15.63
C LEU A 34 6.76 -12.19 15.53
N LEU A 35 6.30 -12.74 16.64
CA LEU A 35 5.84 -14.10 16.70
C LEU A 35 4.36 -14.09 16.96
N THR A 36 3.59 -14.54 15.97
CA THR A 36 2.15 -14.35 15.90
C THR A 36 1.43 -15.68 15.70
N GLY A 37 0.26 -15.79 16.29
CA GLY A 37 -0.47 -17.01 16.25
C GLY A 37 -1.59 -16.94 17.21
N GLY A 38 -2.59 -17.80 17.00
CA GLY A 38 -3.75 -17.88 17.86
C GLY A 38 -3.42 -18.46 19.23
N THR A 39 -4.43 -18.44 20.07
CA THR A 39 -4.31 -18.95 21.40
C THR A 39 -3.83 -20.39 21.33
N GLY A 40 -2.84 -20.75 22.12
CA GLY A 40 -2.42 -22.13 22.23
C GLY A 40 -1.62 -22.64 21.06
N THR A 41 -1.06 -21.77 20.21
CA THR A 41 -0.29 -22.22 19.01
C THR A 41 1.18 -22.45 19.34
N GLY A 42 1.61 -22.08 20.54
CA GLY A 42 2.94 -22.36 21.06
C GLY A 42 3.86 -21.17 21.23
N LYS A 43 3.31 -19.96 21.26
CA LYS A 43 4.08 -18.75 21.29
C LYS A 43 4.91 -18.52 22.51
N THR A 44 4.28 -18.66 23.66
CA THR A 44 4.97 -18.51 24.92
C THR A 44 6.06 -19.57 25.04
N THR A 45 5.76 -20.77 24.63
CA THR A 45 6.73 -21.88 24.63
C THR A 45 7.93 -21.61 23.72
N PHE A 46 7.64 -21.16 22.50
CA PHE A 46 8.66 -20.78 21.54
C PHE A 46 9.59 -19.68 22.11
N ALA A 47 9.01 -18.64 22.70
CA ALA A 47 9.79 -17.53 23.28
C ALA A 47 10.64 -17.92 24.52
N ALA A 48 10.08 -18.77 25.35
CA ALA A 48 10.75 -19.34 26.50
C ALA A 48 11.92 -20.17 26.04
N GLN A 49 11.71 -20.96 25.01
CA GLN A 49 12.74 -21.84 24.50
C GLN A 49 13.89 -21.01 23.94
N PHE A 50 13.58 -19.91 23.28
CA PHE A 50 14.59 -19.04 22.75
C PHE A 50 15.43 -18.40 23.87
N ILE A 51 14.81 -17.91 24.93
CA ILE A 51 15.53 -17.34 26.07
C ILE A 51 16.29 -18.47 26.78
N TYR A 52 15.60 -19.56 27.08
CA TYR A 52 16.17 -20.60 27.94
C TYR A 52 17.31 -21.35 27.30
N LYS A 53 17.16 -21.77 26.04
CA LYS A 53 18.29 -22.39 25.33
C LYS A 53 19.40 -21.40 25.02
N GLY A 54 19.06 -20.12 24.91
CA GLY A 54 20.09 -19.11 24.73
C GLY A 54 21.06 -19.18 25.89
N ALA A 55 20.53 -19.26 27.10
CA ALA A 55 21.34 -19.24 28.27
C ALA A 55 22.05 -20.59 28.49
N GLU A 56 21.30 -21.68 28.43
CA GLU A 56 21.79 -23.00 28.80
C GLU A 56 22.80 -23.51 27.82
N GLU A 57 22.47 -23.45 26.53
CA GLU A 57 23.27 -24.06 25.47
C GLU A 57 24.26 -23.09 24.82
N TYR A 58 23.93 -21.80 24.66
CA TYR A 58 24.77 -20.84 23.93
C TYR A 58 25.42 -19.78 24.84
N GLY A 59 25.19 -19.87 26.16
CA GLY A 59 25.74 -18.93 27.12
C GLY A 59 25.46 -17.47 26.93
N GLU A 60 24.33 -17.13 26.29
CA GLU A 60 23.89 -15.74 26.04
C GLU A 60 22.84 -15.28 27.09
N PRO A 61 23.08 -14.19 27.82
CA PRO A 61 22.10 -13.75 28.81
C PRO A 61 20.79 -13.32 28.13
N GLY A 62 19.67 -13.55 28.79
CA GLY A 62 18.37 -13.19 28.24
C GLY A 62 17.35 -12.73 29.25
N VAL A 63 16.46 -11.84 28.78
CA VAL A 63 15.37 -11.29 29.54
C VAL A 63 14.03 -11.77 28.94
N PHE A 64 13.21 -12.35 29.80
CA PHE A 64 11.84 -12.73 29.46
C PHE A 64 10.88 -11.80 30.18
N VAL A 65 10.28 -10.89 29.40
CA VAL A 65 9.24 -10.04 29.93
C VAL A 65 7.87 -10.67 29.70
N THR A 66 7.16 -10.98 30.78
CA THR A 66 5.80 -11.46 30.74
C THR A 66 4.78 -10.57 31.52
N LEU A 67 3.77 -10.04 30.80
CA LEU A 67 2.58 -9.47 31.43
C LEU A 67 1.39 -10.43 31.31
N GLU A 68 1.63 -11.61 30.77
CA GLU A 68 0.58 -12.62 30.58
C GLU A 68 0.38 -13.43 31.86
N GLU A 69 1.47 -13.66 32.58
CA GLU A 69 1.40 -14.47 33.79
C GLU A 69 2.52 -14.00 34.71
N ARG A 70 2.71 -14.63 35.86
CA ARG A 70 3.85 -14.25 36.66
C ARG A 70 4.97 -15.27 36.60
N ALA A 71 6.11 -14.83 37.11
CA ALA A 71 7.41 -15.49 36.99
C ALA A 71 7.31 -16.87 37.58
N ARG A 72 6.61 -16.99 38.71
CA ARG A 72 6.45 -18.30 39.35
C ARG A 72 5.61 -19.26 38.47
N ASP A 73 4.65 -18.71 37.72
CA ASP A 73 3.86 -19.56 36.78
C ASP A 73 4.77 -20.04 35.62
N LEU A 74 5.57 -19.12 35.11
CA LEU A 74 6.42 -19.43 33.97
C LEU A 74 7.45 -20.46 34.38
N ARG A 75 8.18 -20.24 35.50
CA ARG A 75 9.11 -21.28 36.02
C ARG A 75 8.42 -22.62 36.14
N ARG A 76 7.26 -22.62 36.75
CA ARG A 76 6.54 -23.92 37.01
C ARG A 76 6.13 -24.62 35.69
N GLU A 77 5.48 -23.87 34.80
CA GLU A 77 5.09 -24.40 33.48
C GLU A 77 6.29 -24.95 32.64
N ALA A 79 9.26 -26.07 33.70
CA ALA A 79 9.88 -27.30 34.25
C ALA A 79 9.18 -28.50 33.66
N SER A 80 7.90 -28.39 33.26
CA SER A 80 7.25 -29.53 32.57
C SER A 80 8.03 -29.96 31.31
N PHE A 81 8.93 -29.10 30.80
CA PHE A 81 9.79 -29.40 29.62
C PHE A 81 11.25 -29.66 29.96
N GLY A 82 11.58 -29.78 31.24
CA GLY A 82 12.95 -30.01 31.67
C GLY A 82 13.73 -28.73 31.87
N TRP A 83 13.09 -27.58 31.73
CA TRP A 83 13.82 -26.32 31.74
C TRP A 83 13.81 -25.76 33.16
N ASP A 84 14.99 -25.62 33.73
CA ASP A 84 15.19 -25.08 35.07
C ASP A 84 15.54 -23.57 34.99
N PHE A 85 14.52 -22.72 34.99
CA PHE A 85 14.70 -21.28 34.78
C PHE A 85 15.42 -20.62 35.96
N GLU A 86 15.14 -21.09 37.19
CA GLU A 86 15.73 -20.48 38.41
C GLU A 86 17.23 -20.71 38.52
N LYS A 87 17.73 -21.86 38.08
CA LYS A 87 19.15 -22.11 38.08
C LYS A 87 19.81 -20.97 37.35
N TYR A 88 19.36 -20.71 36.13
CA TYR A 88 19.98 -19.65 35.33
C TYR A 88 19.64 -18.23 35.81
N GLU A 89 18.54 -18.00 36.53
CA GLU A 89 18.30 -16.69 37.16
C GLU A 89 19.33 -16.31 38.22
N LYS A 90 19.74 -17.30 39.04
CA LYS A 90 20.70 -17.08 40.13
C LYS A 90 22.14 -16.89 39.59
N GLU A 91 22.48 -17.55 38.48
CA GLU A 91 23.77 -17.32 37.82
C GLU A 91 23.76 -15.96 37.10
N GLY A 92 22.60 -15.31 37.06
CA GLY A 92 22.48 -14.00 36.44
C GLY A 92 22.46 -14.09 34.92
N LYS A 93 22.13 -15.26 34.37
CA LYS A 93 22.03 -15.46 32.93
C LYS A 93 20.57 -15.30 32.36
N ILE A 94 19.55 -15.39 33.20
CA ILE A 94 18.20 -15.09 32.80
C ILE A 94 17.57 -14.17 33.83
N ALA A 95 16.83 -13.17 33.38
CA ALA A 95 15.91 -12.43 34.26
C ALA A 95 14.48 -12.57 33.72
N ILE A 96 13.53 -12.75 34.64
CA ILE A 96 12.11 -12.70 34.34
C ILE A 96 11.57 -11.43 34.92
N VAL A 97 10.98 -10.61 34.06
CA VAL A 97 10.29 -9.40 34.47
C VAL A 97 8.80 -9.66 34.40
N ASP A 98 8.15 -9.40 35.54
CA ASP A 98 6.77 -9.79 35.87
C ASP A 98 5.87 -8.68 35.39
N PHE A 118 -1.16 0.87 35.29
CA PHE A 118 0.00 0.56 34.41
C PHE A 118 0.77 1.76 33.96
N ASN A 119 2.08 1.77 34.18
CA ASN A 119 2.87 2.94 33.77
C ASN A 119 3.84 2.57 32.64
N VAL A 120 3.48 2.98 31.42
CA VAL A 120 4.20 2.66 30.19
C VAL A 120 5.66 3.06 30.23
N ASP A 121 5.91 4.31 30.62
CA ASP A 121 7.27 4.84 30.59
C ASP A 121 8.18 4.16 31.60
N ASN A 122 7.62 3.80 32.76
CA ASN A 122 8.35 3.02 33.77
C ASN A 122 8.57 1.57 33.34
N PHE A 123 7.56 0.97 32.72
CA PHE A 123 7.70 -0.37 32.22
C PHE A 123 8.93 -0.41 31.27
N LEU A 124 8.95 0.51 30.32
CA LEU A 124 10.06 0.62 29.33
C LEU A 124 11.46 0.88 29.93
N ARG A 125 11.54 1.89 30.81
CA ARG A 125 12.75 2.20 31.61
C ARG A 125 13.28 0.95 32.28
N TYR A 126 12.38 0.20 32.92
CA TYR A 126 12.73 -0.99 33.65
C TYR A 126 13.27 -2.17 32.81
N ILE A 127 12.67 -2.46 31.67
CA ILE A 127 13.22 -3.48 30.78
C ILE A 127 14.61 -3.05 30.32
N TYR A 128 14.72 -1.79 29.85
CA TYR A 128 16.02 -1.20 29.51
C TYR A 128 17.07 -1.45 30.57
N ARG A 129 16.72 -1.16 31.81
CA ARG A 129 17.66 -1.35 32.93
C ARG A 129 17.96 -2.82 33.18
N VAL A 130 17.01 -3.71 33.05
CA VAL A 130 17.32 -5.09 33.31
C VAL A 130 18.19 -5.65 32.17
N VAL A 131 17.90 -5.27 30.93
CA VAL A 131 18.67 -5.74 29.81
C VAL A 131 20.16 -5.31 29.96
N LYS A 132 20.41 -4.06 30.34
CA LYS A 132 21.77 -3.53 30.58
C LYS A 132 22.42 -4.24 31.76
N ALA A 133 21.74 -4.18 32.90
CA ALA A 133 22.12 -4.86 34.12
C ALA A 133 22.67 -6.25 33.94
N ILE A 134 22.14 -7.06 33.01
CA ILE A 134 22.65 -8.43 32.86
C ILE A 134 23.35 -8.66 31.53
N ASN A 135 23.66 -7.58 30.81
CA ASN A 135 24.18 -7.64 29.46
C ASN A 135 23.39 -8.54 28.50
N ALA A 136 22.05 -8.49 28.55
CA ALA A 136 21.27 -9.42 27.72
C ALA A 136 21.63 -9.33 26.22
N LYS A 137 21.72 -10.49 25.57
CA LYS A 137 21.69 -10.61 24.11
C LYS A 137 20.32 -11.03 23.54
N ARG A 138 19.46 -11.60 24.35
CA ARG A 138 18.13 -12.02 23.92
C ARG A 138 17.05 -11.32 24.78
N LEU A 139 15.93 -11.00 24.15
CA LEU A 139 14.83 -10.34 24.82
C LEU A 139 13.52 -10.95 24.27
N VAL A 140 12.55 -11.16 25.17
CA VAL A 140 11.23 -11.57 24.79
C VAL A 140 10.27 -10.61 25.48
N ILE A 141 9.23 -10.17 24.76
CA ILE A 141 8.11 -9.52 25.42
C ILE A 141 6.87 -10.30 25.03
N ASP A 142 6.27 -10.93 26.03
CA ASP A 142 5.13 -11.79 25.89
C ASP A 142 4.08 -11.21 26.82
N SER A 143 3.11 -10.40 26.34
CA SER A 143 2.79 -10.14 24.94
C SER A 143 2.37 -8.71 24.70
N ILE A 144 2.36 -8.32 23.43
CA ILE A 144 1.79 -7.02 23.04
C ILE A 144 0.36 -6.85 23.47
N PRO A 145 -0.52 -7.81 23.19
CA PRO A 145 -1.90 -7.67 23.69
C PRO A 145 -1.96 -7.47 25.24
N SER A 146 -1.11 -8.20 25.97
CA SER A 146 -1.07 -8.08 27.41
C SER A 146 -0.74 -6.65 27.85
N ILE A 147 0.13 -5.97 27.14
CA ILE A 147 0.37 -4.58 27.41
C ILE A 147 -0.89 -3.79 27.10
N ALA A 148 -1.38 -3.98 25.89
CA ALA A 148 -2.43 -3.12 25.41
C ALA A 148 -3.68 -3.23 26.30
N LEU A 149 -3.96 -4.43 26.80
CA LEU A 149 -5.16 -4.60 27.58
C LEU A 149 -5.13 -3.91 28.93
N ARG A 150 -3.93 -3.54 29.39
CA ARG A 150 -3.68 -2.77 30.62
C ARG A 150 -3.66 -1.27 30.43
N LEU A 151 -3.66 -0.77 29.20
CA LEU A 151 -3.74 0.68 29.03
C LEU A 151 -5.11 1.25 29.43
N GLU A 152 -5.14 2.53 29.70
CA GLU A 152 -6.41 3.22 29.87
C GLU A 152 -7.23 3.10 28.60
N GLU A 153 -6.59 3.39 27.46
CA GLU A 153 -7.25 3.18 26.18
C GLU A 153 -6.41 2.19 25.34
N GLU A 154 -6.95 0.99 25.14
CA GLU A 154 -6.30 -0.09 24.44
C GLU A 154 -5.64 0.35 23.12
N ARG A 155 -6.29 1.20 22.32
CA ARG A 155 -5.71 1.70 21.07
C ARG A 155 -4.46 2.61 21.21
N LYS A 156 -4.16 3.06 22.40
CA LYS A 156 -2.89 3.73 22.59
C LYS A 156 -1.73 2.74 22.45
N ILE A 157 -1.97 1.44 22.30
CA ILE A 157 -0.90 0.53 21.92
C ILE A 157 -0.10 1.05 20.72
N ARG A 158 -0.71 1.86 19.84
CA ARG A 158 0.00 2.43 18.73
C ARG A 158 1.18 3.30 19.21
N GLU A 159 0.87 4.25 20.03
CA GLU A 159 1.86 5.14 20.57
C GLU A 159 2.88 4.32 21.39
N VAL A 160 2.41 3.32 22.12
CA VAL A 160 3.29 2.52 22.96
C VAL A 160 4.25 1.71 22.11
N LEU A 161 3.73 1.21 20.98
CA LEU A 161 4.58 0.39 20.15
C LEU A 161 5.71 1.26 19.56
N LEU A 162 5.40 2.49 19.14
CA LEU A 162 6.45 3.37 18.58
C LEU A 162 7.55 3.67 19.67
N LYS A 163 7.10 3.90 20.90
CA LYS A 163 8.01 4.11 22.01
C LYS A 163 8.82 2.86 22.25
N LEU A 164 8.23 1.67 22.09
CA LEU A 164 8.97 0.45 22.35
C LEU A 164 9.98 0.26 21.20
N ASN A 165 9.58 0.55 19.97
CA ASN A 165 10.48 0.45 18.81
C ASN A 165 11.74 1.28 19.05
N THR A 166 11.56 2.49 19.59
CA THR A 166 12.69 3.38 19.83
C THR A 166 13.75 2.79 20.80
N ILE A 167 13.33 2.14 21.91
CA ILE A 167 14.28 1.47 22.83
C ILE A 167 14.84 0.17 22.30
N LEU A 168 14.08 -0.56 21.50
CA LEU A 168 14.63 -1.77 20.89
C LEU A 168 15.76 -1.38 19.96
N LEU A 169 15.59 -0.28 19.25
CA LEU A 169 16.59 0.19 18.33
C LEU A 169 17.86 0.61 19.09
N GLU A 170 17.70 1.35 20.16
CA GLU A 170 18.83 1.66 21.10
C GLU A 170 19.61 0.45 21.67
N GLY A 172 19.74 -2.72 20.74
CA GLY A 172 20.33 -3.63 19.78
C GLY A 172 20.42 -5.09 20.22
N VAL A 173 19.45 -5.58 21.00
CA VAL A 173 19.40 -7.00 21.27
C VAL A 173 18.53 -7.74 20.23
N THR A 174 18.57 -9.06 20.29
CA THR A 174 17.73 -9.88 19.45
C THR A 174 16.44 -10.27 20.25
N THR A 175 15.30 -9.81 19.74
CA THR A 175 14.03 -9.79 20.47
C THR A 175 12.96 -10.53 19.75
N ILE A 176 12.18 -11.30 20.52
CA ILE A 176 10.91 -11.86 20.03
C ILE A 176 9.78 -11.12 20.75
N LEU A 177 8.92 -10.42 19.99
CA LEU A 177 7.65 -9.94 20.54
C LEU A 177 6.55 -10.90 20.14
N THR A 178 5.67 -11.25 21.06
CA THR A 178 4.53 -12.06 20.70
C THR A 178 3.23 -11.26 20.52
N THR A 179 2.40 -11.61 19.55
CA THR A 179 1.06 -11.09 19.45
C THR A 179 0.11 -12.20 19.02
N GLU A 180 -1.16 -11.94 19.14
CA GLU A 180 -2.16 -13.00 19.04
C GLU A 180 -3.38 -12.49 18.24
N ALA A 181 -3.54 -12.99 17.04
CA ALA A 181 -4.76 -12.88 16.23
C ALA A 181 -5.24 -14.28 15.73
N PRO A 182 -6.56 -14.49 15.65
CA PRO A 182 -7.15 -15.70 14.99
C PRO A 182 -6.39 -16.24 13.77
N GLY A 187 -6.10 -14.38 7.01
CA GLY A 187 -6.67 -13.29 7.78
C GLY A 187 -5.67 -12.20 8.19
N LYS A 188 -5.92 -11.61 9.37
CA LYS A 188 -5.00 -10.62 9.95
C LYS A 188 -3.72 -11.27 10.55
N LEU A 189 -2.57 -10.70 10.21
CA LEU A 189 -1.29 -11.14 10.75
C LEU A 189 -1.08 -10.85 12.24
N SER A 190 -1.71 -9.76 12.69
CA SER A 190 -1.57 -9.29 14.09
C SER A 190 -2.91 -8.84 14.69
N ARG A 191 -2.93 -8.63 15.99
CA ARG A 191 -4.13 -8.25 16.70
C ARG A 191 -4.50 -6.83 16.34
N TYR A 192 -3.53 -5.91 16.31
CA TYR A 192 -3.85 -4.47 16.09
C TYR A 192 -3.52 -3.90 14.69
N GLY A 193 -2.86 -4.70 13.84
CA GLY A 193 -2.36 -4.23 12.55
C GLY A 193 -1.19 -3.31 12.64
N ILE A 194 -0.50 -3.25 13.77
CA ILE A 194 0.60 -2.30 13.96
C ILE A 194 1.92 -2.96 14.29
N GLU A 195 1.86 -4.10 14.99
CA GLU A 195 3.02 -4.81 15.55
C GLU A 195 4.06 -5.06 14.47
N GLU A 196 3.59 -5.47 13.29
CA GLU A 196 4.44 -5.82 12.14
C GLU A 196 5.22 -4.63 11.62
N PHE A 197 4.78 -3.40 11.86
CA PHE A 197 5.60 -2.27 11.46
C PHE A 197 6.83 -2.00 12.35
N ILE A 198 6.98 -2.69 13.48
CA ILE A 198 8.21 -2.53 14.25
C ILE A 198 9.06 -3.82 14.30
N ALA A 199 8.78 -4.79 13.43
CA ALA A 199 9.55 -6.02 13.41
C ALA A 199 10.25 -6.16 12.06
N ARG A 200 11.40 -6.77 12.03
CA ARG A 200 11.95 -7.07 10.70
C ARG A 200 11.92 -8.55 10.37
N GLY A 201 11.24 -9.33 11.20
CA GLY A 201 10.96 -10.70 10.89
C GLY A 201 9.59 -11.01 11.42
N VAL A 202 8.90 -11.95 10.77
CA VAL A 202 7.63 -12.43 11.24
C VAL A 202 7.55 -13.96 11.16
N ILE A 203 7.15 -14.58 12.25
CA ILE A 203 7.01 -16.02 12.33
C ILE A 203 5.62 -16.31 12.68
N VAL A 204 4.94 -17.18 11.89
CA VAL A 204 3.55 -17.51 12.14
C VAL A 204 3.46 -18.93 12.72
N LEU A 205 2.75 -19.11 13.85
CA LEU A 205 2.46 -20.42 14.36
C LEU A 205 0.99 -20.63 14.21
N ASP A 206 0.61 -21.85 13.88
CA ASP A 206 -0.72 -22.11 13.43
C ASP A 206 -1.18 -23.49 13.85
N LEU A 207 -2.50 -23.67 13.83
CA LEU A 207 -3.15 -24.97 13.97
C LEU A 207 -4.02 -25.20 12.78
N GLN A 208 -3.75 -26.26 12.01
CA GLN A 208 -4.54 -26.62 10.84
C GLN A 208 -5.56 -27.78 11.02
N GLU A 209 -6.55 -27.83 10.13
CA GLU A 209 -7.69 -28.77 10.18
C GLU A 209 -7.35 -30.02 9.38
N LYS A 210 -7.35 -31.21 9.99
CA LYS A 210 -6.98 -32.43 9.25
C LYS A 210 -7.02 -33.75 10.06
N ASN A 211 -7.95 -34.71 9.82
CA ASN A 211 -9.24 -34.57 9.16
C ASN A 211 -10.25 -34.18 10.26
N ILE A 212 -10.04 -34.78 11.45
CA ILE A 212 -10.69 -34.37 12.71
C ILE A 212 -9.64 -34.10 13.81
N GLU A 213 -8.39 -33.86 13.40
CA GLU A 213 -7.28 -33.46 14.30
C GLU A 213 -6.77 -32.03 13.97
N LEU A 214 -6.26 -31.34 15.00
CA LEU A 214 -5.55 -30.06 14.85
C LEU A 214 -4.03 -30.32 14.82
N LYS A 215 -3.31 -29.88 13.80
CA LYS A 215 -1.88 -30.19 13.70
C LYS A 215 -1.12 -28.87 13.65
N ARG A 216 0.07 -28.78 14.27
CA ARG A 216 0.78 -27.54 14.44
C ARG A 216 1.72 -27.24 13.28
N TYR A 217 1.73 -26.00 12.79
CA TYR A 217 2.69 -25.59 11.77
C TYR A 217 3.31 -24.23 12.07
N VAL A 218 4.50 -24.03 11.52
CA VAL A 218 5.26 -22.83 11.58
C VAL A 218 5.62 -22.40 10.15
N LEU A 219 5.67 -21.10 9.97
CA LEU A 219 6.01 -20.51 8.69
C LEU A 219 6.79 -19.25 8.95
N ILE A 220 7.88 -19.03 8.22
CA ILE A 220 8.59 -17.76 8.26
C ILE A 220 8.05 -16.92 7.11
N ARG A 221 7.30 -15.88 7.48
CA ARG A 221 6.64 -14.95 6.54
C ARG A 221 7.65 -13.92 6.05
N LYS A 222 8.52 -13.50 6.96
CA LYS A 222 9.55 -12.55 6.66
C LYS A 222 10.69 -12.56 7.62
N ARG A 224 14.46 -10.39 7.61
CA ARG A 224 15.42 -9.54 6.96
C ARG A 224 16.74 -10.26 6.82
N GLU A 225 17.52 -9.85 5.86
CA GLU A 225 18.87 -10.35 5.61
C GLU A 225 19.00 -11.85 5.36
N THR A 226 17.89 -12.52 5.13
CA THR A 226 17.89 -13.97 5.10
C THR A 226 17.06 -14.44 3.92
N ARG A 227 17.62 -15.38 3.16
CA ARG A 227 16.84 -16.13 2.17
C ARG A 227 16.30 -17.29 2.96
N HIS A 228 15.13 -17.11 3.53
CA HIS A 228 14.53 -18.13 4.35
C HIS A 228 13.56 -18.95 3.59
N SER A 229 13.32 -20.13 4.10
CA SER A 229 12.33 -20.98 3.51
C SER A 229 10.96 -20.29 3.53
N LYS A 231 8.23 -22.28 3.01
CA LYS A 231 7.34 -23.42 3.22
C LYS A 231 6.76 -23.44 4.63
N LYS A 232 5.62 -24.11 4.76
CA LYS A 232 4.96 -24.45 6.00
C LYS A 232 5.56 -25.78 6.54
N TYR A 233 5.99 -25.79 7.80
CA TYR A 233 6.63 -26.94 8.45
C TYR A 233 5.85 -27.41 9.68
N PRO A 234 5.68 -28.72 9.85
CA PRO A 234 4.97 -29.23 11.02
C PRO A 234 5.93 -29.20 12.19
N PHE A 235 5.39 -29.00 13.38
CA PHE A 235 6.17 -29.10 14.62
C PHE A 235 5.35 -29.76 15.73
N GLU A 236 6.02 -30.16 16.76
CA GLU A 236 5.37 -30.81 17.90
C GLU A 236 5.83 -30.01 19.10
N ILE A 237 5.00 -29.91 20.13
CA ILE A 237 5.43 -29.45 21.43
C ILE A 237 5.50 -30.72 22.29
N GLY A 238 6.68 -31.18 22.63
CA GLY A 238 6.85 -32.44 23.33
C GLY A 238 7.41 -32.27 24.74
N PRO A 239 7.98 -33.35 25.34
CA PRO A 239 8.63 -33.26 26.67
C PRO A 239 9.90 -32.40 26.71
N ASN A 240 10.58 -32.25 25.58
CA ASN A 240 11.70 -31.31 25.47
C ASN A 240 11.36 -29.98 24.75
N GLY A 241 10.07 -29.63 24.71
CA GLY A 241 9.62 -28.38 24.14
C GLY A 241 9.42 -28.53 22.63
N ILE A 242 9.67 -27.47 21.86
CA ILE A 242 9.40 -27.47 20.41
C ILE A 242 10.48 -28.20 19.59
N VAL A 243 9.99 -29.09 18.73
CA VAL A 243 10.72 -29.60 17.59
C VAL A 243 9.99 -29.34 16.24
N VAL A 244 10.74 -28.75 15.30
CA VAL A 244 10.35 -28.56 13.92
C VAL A 244 10.82 -29.72 13.03
N TYR A 245 9.89 -30.24 12.25
CA TYR A 245 10.12 -31.31 11.31
C TYR A 245 10.31 -30.80 9.87
N PRO A 246 10.83 -31.66 8.98
CA PRO A 246 10.85 -31.40 7.51
C PRO A 246 9.49 -30.98 6.88
N PRO B 8 6.54 10.94 -28.02
CA PRO B 8 7.38 9.91 -27.34
C PRO B 8 7.36 10.07 -25.81
N VAL B 9 6.87 9.11 -25.05
CA VAL B 9 6.92 9.27 -23.58
C VAL B 9 8.29 8.82 -23.06
N ARG B 10 8.95 9.68 -22.30
CA ARG B 10 10.26 9.38 -21.73
C ARG B 10 10.09 8.47 -20.53
N ARG B 11 10.84 7.38 -20.49
CA ARG B 11 10.65 6.34 -19.49
C ARG B 11 11.86 6.17 -18.56
N VAL B 12 11.58 5.86 -17.30
CA VAL B 12 12.59 5.64 -16.27
C VAL B 12 12.65 4.13 -16.02
N LYS B 13 13.84 3.60 -16.27
CA LYS B 13 14.11 2.17 -16.22
C LYS B 13 14.13 1.80 -14.74
N SER B 14 13.46 0.70 -14.39
CA SER B 14 13.20 0.32 -12.99
C SER B 14 14.44 -0.09 -12.20
N GLY B 15 15.40 -0.71 -12.87
CA GLY B 15 16.47 -1.44 -12.21
C GLY B 15 16.13 -2.87 -11.77
N ILE B 16 14.95 -3.32 -12.14
CA ILE B 16 14.48 -4.65 -11.74
C ILE B 16 14.48 -5.54 -12.97
N PRO B 17 15.44 -6.49 -13.08
CA PRO B 17 15.44 -7.40 -14.26
C PRO B 17 14.10 -8.07 -14.56
N GLY B 18 13.66 -8.04 -15.81
CA GLY B 18 12.39 -8.65 -16.18
C GLY B 18 11.17 -7.72 -16.07
N PHE B 19 11.30 -6.59 -15.39
CA PHE B 19 10.15 -5.70 -15.11
C PHE B 19 9.86 -4.65 -16.22
N ASP B 20 10.87 -3.99 -16.77
CA ASP B 20 10.66 -2.89 -17.74
C ASP B 20 9.84 -3.30 -18.93
N GLU B 21 10.05 -4.51 -19.41
CA GLU B 21 9.27 -4.99 -20.57
C GLU B 21 7.77 -5.14 -20.26
N LEU B 22 7.41 -5.14 -18.98
CA LEU B 22 6.00 -5.16 -18.60
C LEU B 22 5.32 -3.82 -18.74
N ILE B 23 6.11 -2.75 -18.80
CA ILE B 23 5.60 -1.38 -18.85
C ILE B 23 6.23 -0.49 -19.99
N GLU B 24 6.38 -1.13 -21.15
CA GLU B 24 6.83 -0.50 -22.41
C GLU B 24 8.19 0.17 -22.27
N GLY B 25 9.01 -0.41 -21.41
CA GLY B 25 10.36 0.05 -21.20
C GLY B 25 10.66 0.78 -19.89
N GLY B 26 9.65 1.14 -19.09
CA GLY B 26 9.91 1.89 -17.88
C GLY B 26 8.76 2.78 -17.47
N PHE B 27 8.89 3.42 -16.32
CA PHE B 27 7.90 4.31 -15.74
C PHE B 27 7.86 5.61 -16.53
N PRO B 28 6.71 6.09 -16.98
CA PRO B 28 6.68 7.44 -17.54
C PRO B 28 7.29 8.42 -16.54
N GLU B 29 8.20 9.26 -16.97
CA GLU B 29 8.86 10.24 -16.11
C GLU B 29 7.81 11.13 -15.43
N GLY B 30 8.05 11.41 -14.15
CA GLY B 30 7.11 12.21 -13.36
C GLY B 30 5.99 11.46 -12.70
N THR B 31 5.85 10.18 -12.95
CA THR B 31 4.83 9.37 -12.34
C THR B 31 5.10 9.06 -10.86
N THR B 32 4.03 9.16 -10.09
CA THR B 32 3.92 8.63 -8.74
C THR B 32 3.27 7.27 -8.80
N VAL B 33 4.03 6.27 -8.36
CA VAL B 33 3.65 4.87 -8.41
C VAL B 33 3.45 4.34 -6.97
N LEU B 34 2.27 3.75 -6.73
CA LEU B 34 1.97 3.14 -5.47
C LEU B 34 2.38 1.64 -5.58
N LEU B 35 3.21 1.23 -4.65
CA LEU B 35 3.65 -0.16 -4.50
C LEU B 35 3.00 -0.66 -3.24
N THR B 36 2.13 -1.64 -3.37
CA THR B 36 1.34 -2.15 -2.26
C THR B 36 1.40 -3.64 -2.17
N GLY B 37 1.26 -4.13 -0.95
CA GLY B 37 1.48 -5.52 -0.64
C GLY B 37 1.60 -5.77 0.85
N GLY B 38 1.30 -6.99 1.21
CA GLY B 38 1.37 -7.39 2.63
C GLY B 38 2.75 -7.35 3.16
N THR B 39 2.86 -7.59 4.47
CA THR B 39 4.12 -7.69 5.13
C THR B 39 5.03 -8.70 4.46
N GLY B 40 6.18 -8.27 4.05
CA GLY B 40 7.16 -9.22 3.61
C GLY B 40 7.02 -9.63 2.15
N THR B 41 6.26 -8.87 1.34
CA THR B 41 6.06 -9.17 -0.06
C THR B 41 7.15 -8.58 -0.90
N GLY B 42 8.04 -7.76 -0.32
CA GLY B 42 9.21 -7.30 -1.02
C GLY B 42 9.16 -5.84 -1.45
N LYS B 43 8.31 -5.07 -0.80
CA LYS B 43 8.16 -3.66 -1.14
C LYS B 43 9.41 -2.83 -0.90
N THR B 44 10.01 -2.94 0.28
CA THR B 44 11.21 -2.16 0.60
C THR B 44 12.38 -2.53 -0.36
N THR B 45 12.53 -3.79 -0.66
CA THR B 45 13.56 -4.25 -1.57
C THR B 45 13.30 -3.71 -2.95
N PHE B 46 12.08 -3.82 -3.45
CA PHE B 46 11.72 -3.22 -4.78
C PHE B 46 12.06 -1.74 -4.84
N ALA B 47 11.67 -0.98 -3.81
CA ALA B 47 11.92 0.47 -3.78
C ALA B 47 13.40 0.82 -3.74
N ALA B 48 14.11 0.07 -2.90
CA ALA B 48 15.49 0.28 -2.68
C ALA B 48 16.24 -0.07 -3.98
N GLN B 49 15.82 -1.11 -4.69
CA GLN B 49 16.43 -1.45 -5.96
C GLN B 49 16.22 -0.37 -7.03
N PHE B 50 15.06 0.26 -7.01
CA PHE B 50 14.74 1.34 -7.96
C PHE B 50 15.72 2.48 -7.72
N ILE B 51 15.95 2.88 -6.49
CA ILE B 51 16.86 4.01 -6.20
C ILE B 51 18.30 3.60 -6.49
N TYR B 52 18.65 2.40 -5.99
CA TYR B 52 20.05 1.98 -6.09
C TYR B 52 20.55 1.72 -7.52
N LYS B 53 19.83 0.96 -8.28
CA LYS B 53 20.13 0.74 -9.69
C LYS B 53 19.96 1.99 -10.57
N GLY B 54 18.98 2.83 -10.30
CA GLY B 54 19.00 4.21 -10.82
C GLY B 54 20.37 4.93 -10.70
N ALA B 55 20.93 5.04 -9.50
CA ALA B 55 22.27 5.59 -9.33
C ALA B 55 23.36 4.76 -10.09
N GLU B 56 23.57 3.48 -9.71
CA GLU B 56 24.66 2.68 -10.28
C GLU B 56 24.51 2.43 -11.80
N GLU B 57 23.34 2.00 -12.22
CA GLU B 57 23.17 1.59 -13.61
C GLU B 57 23.01 2.78 -14.51
N TYR B 58 22.29 3.83 -14.09
CA TYR B 58 21.90 4.89 -15.06
C TYR B 58 22.38 6.25 -14.67
N GLY B 59 23.09 6.42 -13.56
CA GLY B 59 23.60 7.73 -13.21
C GLY B 59 22.57 8.67 -12.62
N GLU B 60 21.34 8.18 -12.41
CA GLU B 60 20.24 9.06 -12.01
C GLU B 60 20.21 9.17 -10.49
N PRO B 61 20.28 10.39 -9.94
CA PRO B 61 20.30 10.56 -8.50
C PRO B 61 18.92 10.32 -7.89
N GLY B 62 18.88 9.78 -6.67
CA GLY B 62 17.67 9.28 -6.06
C GLY B 62 17.66 9.46 -4.58
N VAL B 63 16.47 9.75 -4.04
CA VAL B 63 16.29 9.92 -2.62
C VAL B 63 15.42 8.81 -2.08
N PHE B 64 15.87 8.17 -1.01
CA PHE B 64 15.10 7.14 -0.37
C PHE B 64 14.70 7.63 0.99
N VAL B 65 13.39 7.91 1.13
CA VAL B 65 12.88 8.39 2.44
C VAL B 65 12.34 7.22 3.19
N THR B 66 12.79 6.97 4.40
CA THR B 66 12.26 5.88 5.19
C THR B 66 11.94 6.33 6.62
N LEU B 67 10.69 6.07 7.01
CA LEU B 67 10.29 6.11 8.41
C LEU B 67 10.11 4.70 8.96
N GLU B 68 10.32 3.68 8.15
CA GLU B 68 10.18 2.32 8.65
C GLU B 68 11.50 1.85 9.32
N GLU B 69 12.63 2.50 9.03
CA GLU B 69 13.91 2.13 9.64
C GLU B 69 14.93 3.28 9.65
N ARG B 70 16.04 3.11 10.33
CA ARG B 70 17.08 4.12 10.17
C ARG B 70 17.98 3.85 8.94
N ALA B 71 18.74 4.87 8.57
CA ALA B 71 19.55 4.90 7.35
C ALA B 71 20.58 3.79 7.42
N ARG B 72 21.10 3.54 8.62
CA ARG B 72 22.15 2.47 8.81
C ARG B 72 21.51 1.13 8.65
N ASP B 73 20.25 1.00 9.07
CA ASP B 73 19.54 -0.25 8.89
C ASP B 73 19.41 -0.57 7.42
N LEU B 74 19.00 0.41 6.62
CA LEU B 74 18.79 0.16 5.21
C LEU B 74 20.17 -0.12 4.56
N ARG B 75 21.21 0.65 4.86
CA ARG B 75 22.56 0.34 4.32
C ARG B 75 23.05 -1.10 4.57
N ARG B 76 23.06 -1.49 5.85
CA ARG B 76 23.35 -2.87 6.24
C ARG B 76 22.41 -3.86 5.53
N GLU B 77 21.10 -3.61 5.53
CA GLU B 77 20.21 -4.62 4.94
C GLU B 77 20.51 -4.80 3.40
N ALA B 79 23.20 -4.18 1.75
CA ALA B 79 24.51 -4.82 1.58
C ALA B 79 24.37 -6.32 1.37
N SER B 80 23.37 -6.97 2.00
CA SER B 80 23.17 -8.40 1.81
C SER B 80 22.84 -8.73 0.37
N PHE B 81 22.36 -7.75 -0.43
CA PHE B 81 22.25 -7.90 -1.89
C PHE B 81 23.49 -7.46 -2.77
N GLY B 82 24.63 -7.17 -2.16
CA GLY B 82 25.77 -6.60 -2.89
C GLY B 82 25.62 -5.14 -3.29
N TRP B 83 24.68 -4.43 -2.63
CA TRP B 83 24.46 -3.01 -2.94
C TRP B 83 25.16 -2.18 -1.88
N ASP B 84 26.04 -1.32 -2.37
CA ASP B 84 26.82 -0.41 -1.55
C ASP B 84 26.23 1.01 -1.66
N PHE B 85 25.22 1.26 -0.82
CA PHE B 85 24.56 2.56 -0.77
C PHE B 85 25.52 3.72 -0.46
N GLU B 86 26.38 3.55 0.54
CA GLU B 86 27.33 4.62 0.92
C GLU B 86 28.28 5.09 -0.21
N LYS B 87 28.79 4.19 -1.04
CA LYS B 87 29.54 4.61 -2.20
C LYS B 87 28.80 5.74 -2.95
N TYR B 88 27.52 5.49 -3.27
CA TYR B 88 26.74 6.43 -4.11
C TYR B 88 26.25 7.63 -3.33
N GLU B 89 26.11 7.50 -2.01
CA GLU B 89 25.84 8.64 -1.19
C GLU B 89 27.01 9.62 -1.26
N LYS B 90 28.20 9.11 -1.11
CA LYS B 90 29.42 9.95 -1.13
C LYS B 90 29.60 10.66 -2.47
N GLU B 91 29.29 9.97 -3.57
CA GLU B 91 29.32 10.58 -4.89
C GLU B 91 28.13 11.51 -5.16
N GLY B 92 27.26 11.72 -4.17
CA GLY B 92 26.06 12.54 -4.30
C GLY B 92 24.94 12.04 -5.20
N LYS B 93 24.83 10.74 -5.42
CA LYS B 93 23.85 10.17 -6.31
C LYS B 93 22.68 9.51 -5.58
N ILE B 94 22.83 9.26 -4.28
CA ILE B 94 21.78 8.75 -3.41
C ILE B 94 21.77 9.58 -2.13
N ALA B 95 20.59 10.00 -1.67
CA ALA B 95 20.38 10.52 -0.31
C ALA B 95 19.38 9.61 0.42
N ILE B 96 19.72 9.23 1.65
CA ILE B 96 18.81 8.55 2.54
C ILE B 96 18.27 9.57 3.55
N VAL B 97 16.95 9.71 3.61
CA VAL B 97 16.26 10.56 4.57
C VAL B 97 15.56 9.63 5.50
N ASP B 98 15.94 9.75 6.76
CA ASP B 98 15.69 8.87 7.86
C ASP B 98 14.48 9.31 8.72
N PHE B 118 6.02 14.36 15.59
CA PHE B 118 6.26 14.31 14.16
C PHE B 118 5.68 15.54 13.46
N ASN B 119 6.50 16.29 12.74
CA ASN B 119 6.00 17.48 12.05
C ASN B 119 5.93 17.29 10.54
N VAL B 120 4.71 17.21 10.04
CA VAL B 120 4.43 16.86 8.67
C VAL B 120 5.00 17.89 7.70
N ASP B 121 4.72 19.16 7.94
CA ASP B 121 5.21 20.21 7.03
C ASP B 121 6.73 20.27 6.93
N ASN B 122 7.40 20.04 8.03
CA ASN B 122 8.84 20.05 8.08
C ASN B 122 9.40 18.84 7.33
N PHE B 123 8.80 17.68 7.56
CA PHE B 123 9.08 16.44 6.82
C PHE B 123 9.10 16.72 5.31
N LEU B 124 7.96 17.25 4.81
CA LEU B 124 7.73 17.49 3.40
C LEU B 124 8.66 18.53 2.82
N ARG B 125 8.80 19.65 3.51
CA ARG B 125 9.82 20.63 3.14
C ARG B 125 11.23 19.99 3.00
N TYR B 126 11.62 19.18 3.99
CA TYR B 126 12.90 18.54 3.92
C TYR B 126 13.10 17.62 2.69
N ILE B 127 12.08 16.85 2.32
CA ILE B 127 12.19 15.98 1.16
C ILE B 127 12.44 16.83 -0.07
N TYR B 128 11.59 17.86 -0.28
CA TYR B 128 11.71 18.80 -1.38
C TYR B 128 13.14 19.44 -1.45
N ARG B 129 13.71 19.79 -0.30
CA ARG B 129 15.07 20.31 -0.25
C ARG B 129 16.11 19.28 -0.74
N VAL B 130 16.12 18.11 -0.10
CA VAL B 130 17.09 17.09 -0.47
C VAL B 130 16.97 16.74 -1.95
N VAL B 131 15.73 16.64 -2.46
CA VAL B 131 15.50 16.29 -3.86
C VAL B 131 16.15 17.34 -4.79
N LYS B 132 15.92 18.60 -4.47
CA LYS B 132 16.50 19.71 -5.20
C LYS B 132 18.01 19.71 -5.09
N ALA B 133 18.52 19.46 -3.88
CA ALA B 133 19.95 19.56 -3.68
C ALA B 133 20.72 18.55 -4.51
N ILE B 134 20.27 17.30 -4.60
CA ILE B 134 20.99 16.41 -5.52
C ILE B 134 20.42 16.34 -6.93
N ASN B 135 19.47 17.20 -7.30
CA ASN B 135 18.81 17.13 -8.64
C ASN B 135 18.19 15.74 -8.86
N ALA B 136 17.44 15.24 -7.89
CA ALA B 136 16.97 13.84 -7.91
C ALA B 136 16.02 13.67 -9.08
N LYS B 137 16.13 12.54 -9.79
CA LYS B 137 15.15 12.07 -10.74
C LYS B 137 14.30 10.97 -10.10
N ARG B 138 14.72 10.36 -8.99
CA ARG B 138 13.92 9.27 -8.41
C ARG B 138 13.73 9.55 -6.93
N LEU B 139 12.57 9.12 -6.46
CA LEU B 139 12.17 9.29 -5.07
C LEU B 139 11.45 8.04 -4.59
N VAL B 140 11.75 7.60 -3.38
CA VAL B 140 10.94 6.61 -2.68
C VAL B 140 10.48 7.17 -1.33
N ILE B 141 9.22 6.94 -0.99
CA ILE B 141 8.76 7.06 0.37
C ILE B 141 8.25 5.73 0.93
N ASP B 142 9.02 5.18 1.88
CA ASP B 142 8.74 3.91 2.56
C ASP B 142 8.51 4.23 4.02
N SER B 143 7.28 4.39 4.48
CA SER B 143 6.04 4.01 3.86
C SER B 143 4.94 4.97 4.32
N ILE B 144 3.82 4.94 3.60
CA ILE B 144 2.65 5.67 3.98
C ILE B 144 2.14 5.26 5.33
N PRO B 145 1.94 3.97 5.63
CA PRO B 145 1.56 3.63 6.99
C PRO B 145 2.54 4.14 8.07
N SER B 146 3.83 4.23 7.76
CA SER B 146 4.83 4.57 8.79
C SER B 146 4.74 6.06 9.15
N ILE B 147 4.26 6.82 8.17
CA ILE B 147 3.87 8.19 8.39
C ILE B 147 2.57 8.29 9.21
N ALA B 148 1.51 7.60 8.77
CA ALA B 148 0.24 7.63 9.46
C ALA B 148 0.32 7.25 10.94
N LEU B 149 1.05 6.19 11.21
CA LEU B 149 1.20 5.69 12.57
C LEU B 149 1.88 6.65 13.53
N ARG B 150 2.64 7.62 12.99
CA ARG B 150 3.32 8.64 13.83
C ARG B 150 2.48 9.89 14.03
N LEU B 151 1.34 10.00 13.38
CA LEU B 151 0.51 11.19 13.52
C LEU B 151 -0.19 11.23 14.88
N GLU B 152 -0.57 12.42 15.32
CA GLU B 152 -1.47 12.51 16.46
C GLU B 152 -2.69 11.66 16.28
N GLU B 153 -3.33 11.78 15.13
CA GLU B 153 -4.51 10.97 14.81
C GLU B 153 -4.25 10.27 13.47
N GLU B 154 -4.22 8.94 13.51
CA GLU B 154 -3.92 8.16 12.34
C GLU B 154 -4.73 8.57 11.11
N ARG B 155 -6.02 8.85 11.24
CA ARG B 155 -6.89 9.08 10.07
C ARG B 155 -6.63 10.44 9.39
N LYS B 156 -5.77 11.24 9.97
CA LYS B 156 -5.32 12.47 9.35
C LYS B 156 -4.32 12.18 8.20
N ILE B 157 -3.94 10.92 7.98
CA ILE B 157 -3.20 10.57 6.76
C ILE B 157 -3.93 11.13 5.49
N ARG B 158 -5.25 11.33 5.56
CA ARG B 158 -6.01 11.79 4.38
C ARG B 158 -5.51 13.18 4.03
N GLU B 159 -5.51 14.05 5.03
CA GLU B 159 -4.98 15.40 4.85
C GLU B 159 -3.46 15.39 4.58
N VAL B 160 -2.69 14.54 5.25
CA VAL B 160 -1.29 14.42 4.88
C VAL B 160 -1.02 13.98 3.43
N LEU B 161 -1.74 12.98 2.94
CA LEU B 161 -1.58 12.49 1.58
C LEU B 161 -1.91 13.58 0.51
N LEU B 162 -2.86 14.45 0.82
CA LEU B 162 -3.23 15.55 -0.05
C LEU B 162 -2.07 16.56 -0.12
N LYS B 163 -1.42 16.81 1.02
CA LYS B 163 -0.26 17.71 1.02
C LYS B 163 0.95 17.11 0.30
N LEU B 164 1.15 15.82 0.46
CA LEU B 164 2.19 15.12 -0.30
C LEU B 164 2.02 15.26 -1.81
N ASN B 165 0.77 15.01 -2.25
CA ASN B 165 0.35 15.05 -3.66
C ASN B 165 0.79 16.36 -4.29
N THR B 166 0.52 17.46 -3.60
CA THR B 166 0.80 18.78 -4.19
C THR B 166 2.30 18.96 -4.35
N ILE B 167 3.11 18.51 -3.40
CA ILE B 167 4.56 18.61 -3.55
C ILE B 167 5.14 17.62 -4.55
N LEU B 168 4.58 16.43 -4.69
CA LEU B 168 5.01 15.50 -5.79
C LEU B 168 4.75 16.11 -7.18
N LEU B 169 3.60 16.74 -7.33
CA LEU B 169 3.24 17.39 -8.59
C LEU B 169 4.20 18.54 -8.84
N GLU B 170 4.58 19.27 -7.80
CA GLU B 170 5.57 20.35 -7.97
C GLU B 170 7.00 19.85 -8.37
N GLY B 172 7.80 17.10 -9.82
CA GLY B 172 7.85 16.33 -11.06
C GLY B 172 8.97 15.27 -11.22
N VAL B 173 9.38 14.62 -10.11
CA VAL B 173 10.23 13.41 -10.19
C VAL B 173 9.44 12.08 -10.33
N THR B 174 10.19 10.99 -10.49
CA THR B 174 9.57 9.67 -10.57
C THR B 174 9.65 8.97 -9.18
N THR B 175 8.51 8.69 -8.57
CA THR B 175 8.39 8.31 -7.17
C THR B 175 7.67 6.99 -6.98
N ILE B 176 8.17 6.18 -6.03
CA ILE B 176 7.50 5.01 -5.51
C ILE B 176 7.10 5.32 -4.07
N LEU B 177 5.82 5.11 -3.77
CA LEU B 177 5.24 5.18 -2.42
C LEU B 177 4.79 3.80 -2.06
N THR B 178 5.16 3.32 -0.85
CA THR B 178 4.74 2.03 -0.44
C THR B 178 3.57 2.13 0.52
N THR B 179 2.71 1.14 0.45
CA THR B 179 1.70 0.96 1.45
C THR B 179 1.45 -0.50 1.62
N GLU B 180 0.83 -0.86 2.74
CA GLU B 180 0.71 -2.23 3.14
C GLU B 180 -0.72 -2.57 3.58
N ALA B 181 -1.32 -3.49 2.84
CA ALA B 181 -2.50 -4.28 3.26
C ALA B 181 -2.41 -5.65 2.54
N PRO B 182 -3.14 -6.70 3.01
CA PRO B 182 -3.23 -7.99 2.27
C PRO B 182 -4.54 -8.12 1.42
N GLY B 187 -9.12 -8.24 -1.80
CA GLY B 187 -9.39 -7.40 -0.65
C GLY B 187 -9.16 -5.90 -0.94
N LYS B 188 -8.72 -5.15 0.07
CA LYS B 188 -8.36 -3.74 -0.16
C LYS B 188 -7.01 -3.57 -0.97
N LEU B 189 -6.93 -2.55 -1.82
CA LEU B 189 -5.68 -2.28 -2.50
C LEU B 189 -4.61 -1.64 -1.58
N SER B 190 -5.06 -0.81 -0.64
CA SER B 190 -4.19 0.02 0.19
C SER B 190 -4.59 -0.12 1.67
N ARG B 191 -3.77 0.40 2.59
CA ARG B 191 -4.11 0.37 4.00
C ARG B 191 -5.36 1.23 4.28
N TYR B 192 -5.39 2.44 3.73
CA TYR B 192 -6.34 3.47 4.18
C TYR B 192 -7.51 3.68 3.18
N GLY B 193 -7.40 3.10 2.00
CA GLY B 193 -8.32 3.45 0.90
C GLY B 193 -8.11 4.81 0.22
N ILE B 194 -6.98 5.47 0.44
CA ILE B 194 -6.73 6.83 -0.05
C ILE B 194 -5.46 7.00 -0.93
N GLU B 195 -4.44 6.23 -0.62
CA GLU B 195 -3.16 6.21 -1.30
C GLU B 195 -3.31 6.15 -2.83
N GLU B 196 -4.19 5.27 -3.30
CA GLU B 196 -4.38 5.11 -4.75
C GLU B 196 -4.82 6.39 -5.52
N PHE B 197 -5.44 7.33 -4.79
CA PHE B 197 -5.89 8.56 -5.39
C PHE B 197 -4.79 9.58 -5.61
N ILE B 198 -3.61 9.40 -5.05
CA ILE B 198 -2.52 10.25 -5.45
C ILE B 198 -1.44 9.51 -6.30
N ALA B 199 -1.74 8.34 -6.82
CA ALA B 199 -0.78 7.66 -7.64
C ALA B 199 -1.34 7.56 -9.07
N ARG B 200 -0.48 7.61 -10.10
CA ARG B 200 -0.98 7.25 -11.43
C ARG B 200 -0.45 5.88 -11.92
N GLY B 201 0.20 5.13 -11.01
CA GLY B 201 0.59 3.78 -11.29
C GLY B 201 0.38 2.99 -10.02
N VAL B 202 0.05 1.71 -10.19
CA VAL B 202 -0.12 0.83 -9.10
C VAL B 202 0.51 -0.49 -9.38
N ILE B 203 1.42 -0.92 -8.49
CA ILE B 203 2.07 -2.25 -8.62
C ILE B 203 1.68 -3.04 -7.36
N VAL B 204 1.19 -4.25 -7.54
CA VAL B 204 0.83 -5.06 -6.42
C VAL B 204 1.85 -6.22 -6.30
N LEU B 205 2.45 -6.36 -5.12
CA LEU B 205 3.30 -7.55 -4.80
C LEU B 205 2.51 -8.49 -3.93
N ASP B 206 2.57 -9.79 -4.16
CA ASP B 206 1.74 -10.74 -3.42
C ASP B 206 2.53 -12.00 -3.09
N LEU B 207 2.03 -12.70 -2.08
CA LEU B 207 2.44 -14.06 -1.73
C LEU B 207 1.25 -15.00 -1.84
N GLN B 208 1.25 -15.92 -2.82
CA GLN B 208 0.20 -16.92 -3.02
C GLN B 208 0.62 -18.29 -2.52
N GLU B 209 -0.31 -19.02 -1.92
CA GLU B 209 0.01 -20.36 -1.41
C GLU B 209 -0.18 -21.44 -2.50
N LYS B 210 0.81 -22.33 -2.57
CA LYS B 210 0.87 -23.41 -3.56
C LYS B 210 1.95 -24.49 -3.20
N ASN B 211 1.61 -25.75 -2.91
CA ASN B 211 0.45 -26.17 -2.13
C ASN B 211 0.88 -26.10 -0.62
N ILE B 212 2.21 -26.16 -0.42
CA ILE B 212 2.86 -26.10 0.89
C ILE B 212 3.70 -24.81 1.06
N GLU B 213 3.88 -24.10 -0.06
CA GLU B 213 4.85 -23.02 -0.22
C GLU B 213 4.23 -21.69 -0.67
N LEU B 214 4.69 -20.61 -0.04
CA LEU B 214 4.36 -19.25 -0.49
C LEU B 214 5.30 -18.88 -1.65
N LYS B 215 4.73 -18.39 -2.74
CA LYS B 215 5.46 -17.94 -3.92
C LYS B 215 5.09 -16.50 -4.26
N ARG B 216 6.04 -15.75 -4.79
CA ARG B 216 5.89 -14.31 -4.87
C ARG B 216 5.37 -13.98 -6.28
N TYR B 217 4.40 -13.06 -6.36
CA TYR B 217 3.93 -12.56 -7.62
C TYR B 217 3.86 -11.03 -7.67
N VAL B 218 4.10 -10.47 -8.86
CA VAL B 218 3.89 -9.07 -9.13
C VAL B 218 2.88 -8.92 -10.28
N LEU B 219 2.06 -7.88 -10.11
CA LEU B 219 1.03 -7.48 -11.03
C LEU B 219 1.02 -5.93 -11.15
N ILE B 220 0.88 -5.44 -12.38
CA ILE B 220 0.78 -4.04 -12.65
C ILE B 220 -0.69 -3.79 -12.84
N ARG B 221 -1.28 -3.16 -11.86
CA ARG B 221 -2.71 -2.91 -11.85
C ARG B 221 -3.05 -1.67 -12.69
N LYS B 222 -2.15 -0.69 -12.70
CA LYS B 222 -2.39 0.60 -13.37
C LYS B 222 -1.06 1.19 -13.72
N ARG B 224 -0.29 4.83 -16.11
CA ARG B 224 -0.72 5.85 -17.08
C ARG B 224 0.19 5.87 -18.28
N GLU B 225 -0.40 6.25 -19.40
CA GLU B 225 0.30 6.46 -20.67
C GLU B 225 1.06 5.20 -21.13
N THR B 226 0.64 4.05 -20.66
CA THR B 226 1.39 2.82 -20.88
C THR B 226 0.43 1.72 -21.13
N ARG B 227 0.66 0.97 -22.19
CA ARG B 227 -0.06 -0.29 -22.42
C ARG B 227 0.75 -1.33 -21.67
N HIS B 228 0.45 -1.50 -20.41
CA HIS B 228 1.19 -2.50 -19.65
C HIS B 228 0.51 -3.88 -19.69
N SER B 229 1.30 -4.90 -19.40
CA SER B 229 0.77 -6.23 -19.15
C SER B 229 -0.22 -6.22 -17.97
N LYS B 231 -1.09 -9.38 -16.67
CA LYS B 231 -0.93 -10.69 -16.08
C LYS B 231 -0.10 -10.63 -14.79
N LYS B 232 -0.22 -11.64 -13.96
CA LYS B 232 0.55 -11.85 -12.73
C LYS B 232 1.80 -12.53 -13.15
N TYR B 233 2.96 -12.07 -12.69
CA TYR B 233 4.23 -12.69 -13.01
C TYR B 233 4.90 -13.20 -11.74
N PRO B 234 5.57 -14.36 -11.76
CA PRO B 234 6.42 -14.78 -10.62
C PRO B 234 7.69 -13.97 -10.54
N PHE B 235 8.12 -13.82 -9.31
CA PHE B 235 9.40 -13.21 -9.05
C PHE B 235 10.07 -13.82 -7.87
N GLU B 236 11.33 -13.54 -7.70
CA GLU B 236 12.02 -14.02 -6.51
C GLU B 236 12.96 -12.95 -6.04
N ILE B 237 13.33 -13.09 -4.75
CA ILE B 237 14.24 -12.19 -4.13
C ILE B 237 15.41 -13.10 -3.88
N GLY B 238 16.45 -12.89 -4.65
CA GLY B 238 17.65 -13.67 -4.51
C GLY B 238 18.83 -12.79 -4.15
N PRO B 239 20.02 -13.36 -4.31
CA PRO B 239 21.25 -12.72 -3.82
C PRO B 239 21.51 -11.38 -4.48
N ASN B 240 20.91 -11.14 -5.64
CA ASN B 240 21.05 -9.86 -6.34
C ASN B 240 19.75 -9.04 -6.37
N GLY B 241 18.90 -9.30 -5.40
CA GLY B 241 17.64 -8.61 -5.28
C GLY B 241 16.55 -9.24 -6.13
N ILE B 242 15.59 -8.43 -6.62
CA ILE B 242 14.43 -8.95 -7.31
C ILE B 242 14.73 -9.33 -8.76
N VAL B 243 14.19 -10.45 -9.19
CA VAL B 243 14.17 -10.84 -10.58
C VAL B 243 12.76 -11.26 -10.92
N VAL B 244 12.15 -10.61 -11.90
CA VAL B 244 10.85 -11.02 -12.40
C VAL B 244 11.07 -11.96 -13.60
N TYR B 245 10.20 -12.95 -13.69
CA TYR B 245 10.26 -14.05 -14.67
C TYR B 245 9.08 -14.02 -15.64
N PRO B 246 9.15 -14.76 -16.76
CA PRO B 246 7.97 -14.85 -17.71
C PRO B 246 6.63 -15.39 -17.17
N PRO C 8 -40.06 9.98 -28.36
CA PRO C 8 -38.83 9.52 -29.12
C PRO C 8 -37.54 10.13 -28.50
N VAL C 9 -36.86 9.37 -27.65
CA VAL C 9 -35.84 9.95 -26.80
C VAL C 9 -34.63 10.40 -27.63
N ARG C 10 -34.14 11.60 -27.35
CA ARG C 10 -32.92 12.13 -27.99
C ARG C 10 -31.70 11.46 -27.33
N ARG C 11 -30.77 10.94 -28.13
CA ARG C 11 -29.63 10.18 -27.64
C ARG C 11 -28.25 10.79 -27.90
N VAL C 12 -27.44 10.78 -26.86
CA VAL C 12 -26.12 11.36 -26.91
C VAL C 12 -25.16 10.22 -27.21
N LYS C 13 -24.48 10.29 -28.34
CA LYS C 13 -23.51 9.26 -28.76
C LYS C 13 -22.28 9.27 -27.85
N SER C 14 -21.87 8.10 -27.40
CA SER C 14 -20.99 8.01 -26.24
C SER C 14 -19.62 8.44 -26.66
N GLY C 15 -19.27 8.16 -27.88
CA GLY C 15 -17.91 8.34 -28.33
C GLY C 15 -17.06 7.09 -28.26
N ILE C 16 -17.64 5.96 -27.85
CA ILE C 16 -16.84 4.75 -27.57
C ILE C 16 -17.30 3.65 -28.54
N PRO C 17 -16.45 3.31 -29.52
CA PRO C 17 -16.86 2.35 -30.54
C PRO C 17 -17.30 1.09 -29.87
N GLY C 18 -18.40 0.53 -30.36
CA GLY C 18 -18.94 -0.69 -29.80
C GLY C 18 -19.93 -0.52 -28.68
N PHE C 19 -20.05 0.69 -28.13
CA PHE C 19 -20.84 0.93 -26.93
C PHE C 19 -22.27 1.38 -27.16
N ASP C 20 -22.49 2.25 -28.13
CA ASP C 20 -23.83 2.82 -28.33
C ASP C 20 -24.84 1.73 -28.61
N GLU C 21 -24.43 0.69 -29.32
CA GLU C 21 -25.30 -0.46 -29.61
C GLU C 21 -25.83 -1.17 -28.36
N LEU C 22 -25.22 -0.95 -27.19
CA LEU C 22 -25.67 -1.55 -25.94
C LEU C 22 -26.79 -0.75 -25.30
N ILE C 23 -27.00 0.49 -25.73
CA ILE C 23 -27.92 1.41 -25.07
C ILE C 23 -28.77 2.19 -26.10
N GLU C 24 -29.19 1.46 -27.14
CA GLU C 24 -30.09 1.89 -28.21
C GLU C 24 -29.63 3.15 -28.91
N GLY C 25 -28.33 3.32 -29.11
CA GLY C 25 -27.76 4.45 -29.85
C GLY C 25 -27.08 5.51 -28.99
N GLY C 26 -27.18 5.45 -27.67
CA GLY C 26 -26.57 6.49 -26.84
C GLY C 26 -27.33 6.80 -25.59
N PHE C 27 -26.79 7.71 -24.75
CA PHE C 27 -27.43 8.09 -23.51
C PHE C 27 -28.63 9.01 -23.74
N PRO C 28 -29.79 8.75 -23.12
CA PRO C 28 -30.87 9.73 -23.16
C PRO C 28 -30.32 11.08 -22.72
N GLU C 29 -30.62 12.09 -23.53
CA GLU C 29 -30.23 13.46 -23.23
C GLU C 29 -30.67 13.89 -21.83
N GLY C 30 -29.79 14.52 -21.08
CA GLY C 30 -30.13 14.99 -19.77
C GLY C 30 -29.80 14.00 -18.63
N THR C 31 -29.39 12.77 -18.94
CA THR C 31 -29.14 11.71 -17.88
C THR C 31 -27.86 11.96 -17.09
N THR C 32 -27.86 11.71 -15.78
CA THR C 32 -26.62 11.55 -15.00
C THR C 32 -26.25 10.08 -14.87
N VAL C 33 -25.10 9.70 -15.42
CA VAL C 33 -24.59 8.31 -15.45
C VAL C 33 -23.44 8.19 -14.47
N LEU C 34 -23.55 7.20 -13.58
CA LEU C 34 -22.52 6.83 -12.64
C LEU C 34 -21.68 5.79 -13.33
N LEU C 35 -20.43 6.15 -13.55
CA LEU C 35 -19.41 5.27 -14.06
C LEU C 35 -18.55 4.81 -12.83
N THR C 36 -18.61 3.50 -12.53
CA THR C 36 -17.98 2.93 -11.33
C THR C 36 -17.09 1.74 -11.67
N GLY C 37 -16.08 1.52 -10.85
CA GLY C 37 -15.09 0.50 -11.01
C GLY C 37 -13.86 0.81 -10.16
N GLY C 38 -13.07 -0.23 -9.95
CA GLY C 38 -11.85 -0.16 -9.14
C GLY C 38 -10.78 0.66 -9.81
N THR C 39 -9.73 0.92 -9.08
CA THR C 39 -8.61 1.68 -9.61
C THR C 39 -8.12 1.04 -10.93
N GLY C 40 -8.05 1.86 -11.99
CA GLY C 40 -7.34 1.43 -13.17
C GLY C 40 -8.22 0.63 -14.06
N THR C 41 -9.52 0.73 -13.88
CA THR C 41 -10.44 0.00 -14.75
C THR C 41 -10.85 0.81 -16.00
N GLY C 42 -10.44 2.05 -16.13
CA GLY C 42 -10.61 2.83 -17.35
C GLY C 42 -11.58 3.97 -17.16
N LYS C 43 -11.90 4.30 -15.93
CA LYS C 43 -12.92 5.35 -15.68
C LYS C 43 -12.58 6.68 -16.29
N THR C 44 -11.43 7.22 -15.91
CA THR C 44 -10.94 8.47 -16.44
C THR C 44 -10.89 8.54 -17.97
N THR C 45 -10.38 7.49 -18.57
CA THR C 45 -10.26 7.30 -19.99
C THR C 45 -11.59 7.35 -20.73
N PHE C 46 -12.52 6.54 -20.27
CA PHE C 46 -13.89 6.46 -20.76
C PHE C 46 -14.59 7.84 -20.65
N ALA C 47 -14.47 8.51 -19.50
CA ALA C 47 -15.00 9.89 -19.31
C ALA C 47 -14.36 10.95 -20.22
N ALA C 48 -13.07 10.81 -20.47
CA ALA C 48 -12.36 11.74 -21.31
C ALA C 48 -12.77 11.53 -22.76
N GLN C 49 -12.90 10.28 -23.16
CA GLN C 49 -13.30 9.93 -24.50
C GLN C 49 -14.68 10.51 -24.83
N PHE C 50 -15.59 10.42 -23.86
CA PHE C 50 -16.93 10.97 -23.97
C PHE C 50 -16.86 12.45 -24.27
N ILE C 51 -16.06 13.21 -23.52
CA ILE C 51 -15.99 14.66 -23.72
C ILE C 51 -15.25 14.98 -25.01
N TYR C 52 -14.11 14.32 -25.20
CA TYR C 52 -13.26 14.60 -26.34
C TYR C 52 -13.93 14.23 -27.66
N LYS C 53 -14.51 13.03 -27.73
CA LYS C 53 -15.23 12.61 -28.91
C LYS C 53 -16.54 13.40 -29.07
N GLY C 54 -17.19 13.72 -27.96
CA GLY C 54 -18.30 14.61 -28.06
C GLY C 54 -17.94 15.85 -28.89
N ALA C 55 -16.83 16.50 -28.55
CA ALA C 55 -16.39 17.71 -29.21
C ALA C 55 -15.87 17.51 -30.65
N GLU C 56 -15.03 16.49 -30.83
CA GLU C 56 -14.29 16.25 -32.06
C GLU C 56 -15.14 15.61 -33.14
N GLU C 57 -15.94 14.62 -32.78
CA GLU C 57 -16.70 13.85 -33.78
C GLU C 57 -18.12 14.41 -33.94
N TYR C 58 -18.73 14.85 -32.84
CA TYR C 58 -20.15 15.26 -32.85
C TYR C 58 -20.36 16.74 -32.59
N GLY C 59 -19.31 17.53 -32.46
CA GLY C 59 -19.44 18.97 -32.32
C GLY C 59 -20.17 19.48 -31.09
N GLU C 60 -20.31 18.64 -30.04
CA GLU C 60 -20.98 19.08 -28.81
C GLU C 60 -19.93 19.57 -27.79
N PRO C 61 -20.09 20.78 -27.28
CA PRO C 61 -19.11 21.29 -26.29
C PRO C 61 -19.19 20.50 -25.00
N GLY C 62 -18.06 20.30 -24.33
CA GLY C 62 -17.98 19.54 -23.08
C GLY C 62 -17.11 20.11 -22.00
N VAL C 63 -17.53 19.89 -20.76
CA VAL C 63 -16.76 20.29 -19.61
C VAL C 63 -16.24 19.05 -18.85
N PHE C 64 -14.93 18.92 -18.71
CA PHE C 64 -14.35 17.89 -17.91
C PHE C 64 -13.88 18.50 -16.63
N VAL C 65 -14.54 18.14 -15.53
CA VAL C 65 -14.14 18.64 -14.22
C VAL C 65 -13.28 17.55 -13.62
N THR C 66 -12.08 17.90 -13.13
CA THR C 66 -11.25 16.97 -12.43
C THR C 66 -10.63 17.47 -11.13
N LEU C 67 -10.76 16.68 -10.07
CA LEU C 67 -10.04 16.92 -8.81
C LEU C 67 -9.07 15.76 -8.53
N GLU C 68 -8.96 14.83 -9.47
CA GLU C 68 -7.98 13.74 -9.41
C GLU C 68 -6.60 14.17 -9.93
N GLU C 69 -6.59 15.10 -10.88
CA GLU C 69 -5.30 15.50 -11.44
C GLU C 69 -5.37 16.95 -11.94
N ARG C 70 -4.27 17.50 -12.43
CA ARG C 70 -4.39 18.85 -12.95
C ARG C 70 -4.66 18.83 -14.48
N ALA C 71 -5.12 19.96 -15.01
CA ALA C 71 -5.52 20.02 -16.40
C ALA C 71 -4.38 19.62 -17.28
N ARG C 72 -3.15 20.05 -16.97
CA ARG C 72 -1.98 19.73 -17.81
C ARG C 72 -1.63 18.27 -17.80
N ASP C 73 -1.98 17.58 -16.71
CA ASP C 73 -1.76 16.16 -16.58
C ASP C 73 -2.72 15.45 -17.50
N LEU C 74 -3.95 15.90 -17.51
CA LEU C 74 -4.98 15.27 -18.34
C LEU C 74 -4.67 15.49 -19.84
N ARG C 75 -4.25 16.69 -20.23
CA ARG C 75 -3.89 16.92 -21.63
C ARG C 75 -2.73 16.01 -22.06
N ARG C 76 -1.70 15.95 -21.25
CA ARG C 76 -0.53 15.08 -21.52
C ARG C 76 -0.96 13.61 -21.60
N GLU C 77 -1.82 13.17 -20.67
CA GLU C 77 -2.17 11.78 -20.60
C GLU C 77 -3.01 11.38 -21.80
N ALA C 79 -3.08 12.88 -24.67
CA ALA C 79 -2.29 12.95 -25.89
C ALA C 79 -1.76 11.58 -26.32
N SER C 80 -1.59 10.65 -25.37
CA SER C 80 -1.10 9.32 -25.69
C SER C 80 -2.12 8.47 -26.45
N PHE C 81 -3.39 8.87 -26.43
CA PHE C 81 -4.41 8.34 -27.33
C PHE C 81 -4.57 9.13 -28.65
N GLY C 82 -3.74 10.13 -28.88
CA GLY C 82 -3.95 10.98 -30.04
C GLY C 82 -4.97 12.08 -29.83
N TRP C 83 -5.37 12.35 -28.58
CA TRP C 83 -6.44 13.33 -28.35
C TRP C 83 -5.79 14.63 -27.94
N ASP C 84 -6.06 15.65 -28.76
CA ASP C 84 -5.55 17.00 -28.60
C ASP C 84 -6.60 17.88 -27.88
N PHE C 85 -6.58 17.81 -26.54
CA PHE C 85 -7.56 18.54 -25.75
C PHE C 85 -7.36 20.05 -25.97
N GLU C 86 -6.12 20.50 -25.96
CA GLU C 86 -5.92 21.93 -26.01
C GLU C 86 -6.48 22.57 -27.32
N LYS C 87 -6.39 21.84 -28.43
CA LYS C 87 -6.93 22.33 -29.70
C LYS C 87 -8.41 22.71 -29.51
N TYR C 88 -9.20 21.85 -28.86
CA TYR C 88 -10.63 22.14 -28.69
C TYR C 88 -10.92 23.14 -27.61
N GLU C 89 -10.03 23.26 -26.62
CA GLU C 89 -10.08 24.32 -25.64
C GLU C 89 -9.94 25.71 -26.28
N LYS C 90 -9.00 25.87 -27.22
CA LYS C 90 -8.78 27.17 -27.88
C LYS C 90 -10.01 27.49 -28.73
N GLU C 91 -10.57 26.46 -29.38
CA GLU C 91 -11.85 26.62 -30.10
C GLU C 91 -13.09 26.78 -29.19
N GLY C 92 -12.92 26.84 -27.86
CA GLY C 92 -14.08 26.87 -26.95
C GLY C 92 -15.07 25.66 -26.89
N LYS C 93 -14.71 24.53 -27.50
CA LYS C 93 -15.54 23.34 -27.50
C LYS C 93 -15.27 22.44 -26.28
N ILE C 94 -14.13 22.61 -25.59
CA ILE C 94 -13.89 21.90 -24.34
C ILE C 94 -13.38 22.82 -23.31
N ALA C 95 -13.84 22.68 -22.09
CA ALA C 95 -13.16 23.29 -20.96
C ALA C 95 -12.77 22.22 -19.96
N ILE C 96 -11.59 22.43 -19.34
CA ILE C 96 -11.12 21.59 -18.25
C ILE C 96 -11.10 22.45 -17.02
N VAL C 97 -11.81 21.96 -15.99
CA VAL C 97 -11.90 22.60 -14.69
C VAL C 97 -11.21 21.73 -13.65
N ASP C 98 -10.09 22.22 -13.13
CA ASP C 98 -9.32 21.41 -12.19
C ASP C 98 -9.25 21.87 -10.70
N GLY C 99 -9.99 22.88 -10.25
CA GLY C 99 -9.54 24.26 -10.32
C GLY C 99 -8.67 24.31 -9.05
N VAL C 100 -7.34 24.29 -9.18
CA VAL C 100 -6.38 25.39 -9.50
C VAL C 100 -6.38 26.41 -10.66
N SER C 101 -6.22 25.98 -11.90
CA SER C 101 -6.26 26.96 -12.98
C SER C 101 -7.73 27.21 -13.41
N SER C 102 -8.13 28.48 -13.32
CA SER C 102 -9.34 28.96 -13.98
C SER C 102 -9.29 28.67 -15.49
N VAL C 103 -10.44 28.32 -16.05
CA VAL C 103 -10.57 28.22 -17.50
C VAL C 103 -10.22 29.56 -18.10
N VAL C 104 -9.48 29.52 -19.18
CA VAL C 104 -9.08 30.72 -19.89
C VAL C 104 -10.34 31.45 -20.39
N GLY C 105 -10.42 32.74 -20.05
CA GLY C 105 -11.56 33.56 -20.46
C GLY C 105 -12.67 33.56 -19.45
N LEU C 106 -12.50 32.82 -18.34
CA LEU C 106 -13.49 32.68 -17.28
C LEU C 106 -12.79 32.75 -15.92
N PRO C 107 -12.14 33.88 -15.63
CA PRO C 107 -11.43 34.06 -14.34
C PRO C 107 -12.24 34.10 -13.03
N SER C 108 -11.57 33.75 -11.92
CA SER C 108 -12.12 33.69 -10.54
C SER C 108 -13.47 32.98 -10.48
N PHE C 118 -11.24 23.34 0.92
CA PHE C 118 -12.09 23.16 -0.26
C PHE C 118 -13.43 23.85 -0.09
N ASN C 119 -13.89 24.61 -1.09
CA ASN C 119 -15.15 25.31 -0.96
C ASN C 119 -16.20 24.79 -1.95
N VAL C 120 -17.11 24.00 -1.41
CA VAL C 120 -18.12 23.28 -2.15
C VAL C 120 -18.98 24.18 -3.03
N ASP C 121 -19.55 25.22 -2.43
CA ASP C 121 -20.51 26.10 -3.11
C ASP C 121 -19.85 26.90 -4.24
N ASN C 122 -18.65 27.43 -4.02
CA ASN C 122 -17.89 28.02 -5.13
C ASN C 122 -17.67 27.04 -6.29
N PHE C 123 -17.25 25.83 -5.92
CA PHE C 123 -17.04 24.76 -6.90
C PHE C 123 -18.19 24.59 -7.86
N LEU C 124 -19.36 24.43 -7.30
CA LEU C 124 -20.57 24.09 -8.05
C LEU C 124 -21.06 25.28 -8.90
N ARG C 125 -21.05 26.47 -8.31
CA ARG C 125 -21.24 27.74 -9.02
C ARG C 125 -20.32 27.77 -10.21
N TYR C 126 -19.04 27.46 -9.99
CA TYR C 126 -18.07 27.59 -11.11
C TYR C 126 -18.32 26.57 -12.24
N ILE C 127 -18.69 25.33 -11.92
CA ILE C 127 -19.05 24.38 -12.96
C ILE C 127 -20.29 24.87 -13.71
N TYR C 128 -21.28 25.39 -13.00
CA TYR C 128 -22.48 25.89 -13.64
C TYR C 128 -22.11 27.06 -14.63
N ARG C 129 -21.31 27.99 -14.14
CA ARG C 129 -20.86 29.11 -14.97
C ARG C 129 -20.17 28.64 -16.21
N VAL C 130 -19.31 27.65 -16.09
CA VAL C 130 -18.53 27.20 -17.24
C VAL C 130 -19.41 26.38 -18.22
N VAL C 131 -20.31 25.56 -17.69
CA VAL C 131 -21.25 24.84 -18.55
C VAL C 131 -22.03 25.85 -19.41
N LYS C 132 -22.51 26.90 -18.76
CA LYS C 132 -23.33 27.93 -19.43
C LYS C 132 -22.54 28.77 -20.45
N ALA C 133 -21.32 29.17 -20.09
CA ALA C 133 -20.42 29.91 -20.99
C ALA C 133 -20.06 29.20 -22.28
N ILE C 134 -19.83 27.89 -22.28
CA ILE C 134 -19.56 27.25 -23.56
C ILE C 134 -20.79 26.55 -24.15
N ASN C 135 -21.95 26.70 -23.54
CA ASN C 135 -23.17 25.98 -23.97
C ASN C 135 -22.93 24.45 -24.00
N ALA C 136 -22.30 23.93 -22.94
CA ALA C 136 -21.89 22.53 -22.86
C ALA C 136 -23.14 21.66 -23.01
N LYS C 137 -23.04 20.59 -23.79
CA LYS C 137 -24.04 19.57 -23.74
C LYS C 137 -23.53 18.33 -22.93
N ARG C 138 -22.24 18.29 -22.58
CA ARG C 138 -21.62 17.13 -21.95
C ARG C 138 -20.83 17.57 -20.72
N LEU C 139 -20.84 16.78 -19.67
CA LEU C 139 -20.18 17.14 -18.40
C LEU C 139 -19.58 15.88 -17.76
N VAL C 140 -18.40 15.98 -17.21
CA VAL C 140 -17.76 14.88 -16.44
C VAL C 140 -17.28 15.45 -15.12
N ILE C 141 -17.52 14.74 -14.03
CA ILE C 141 -16.90 15.02 -12.75
C ILE C 141 -16.15 13.76 -12.38
N ASP C 142 -14.84 13.86 -12.53
CA ASP C 142 -13.91 12.82 -12.15
C ASP C 142 -13.16 13.37 -10.95
N SER C 143 -13.52 13.01 -9.72
CA SER C 143 -14.38 11.92 -9.37
C SER C 143 -15.05 12.34 -8.07
N ILE C 144 -16.11 11.63 -7.71
CA ILE C 144 -16.72 11.83 -6.43
C ILE C 144 -15.78 11.59 -5.21
N PRO C 145 -15.03 10.51 -5.16
CA PRO C 145 -14.06 10.36 -4.04
C PRO C 145 -13.04 11.52 -3.99
N SER C 146 -12.66 12.10 -5.12
CA SER C 146 -11.68 13.18 -5.14
C SER C 146 -12.26 14.41 -4.43
N ILE C 147 -13.58 14.63 -4.57
CA ILE C 147 -14.26 15.68 -3.86
C ILE C 147 -14.32 15.34 -2.36
N ALA C 148 -14.79 14.17 -2.06
CA ALA C 148 -15.00 13.78 -0.69
C ALA C 148 -13.73 13.85 0.12
N LEU C 149 -12.63 13.36 -0.46
CA LEU C 149 -11.36 13.34 0.28
C LEU C 149 -10.88 14.73 0.58
N ARG C 150 -11.37 15.76 -0.14
CA ARG C 150 -10.95 17.15 0.13
C ARG C 150 -11.80 17.90 1.13
N LEU C 151 -12.87 17.29 1.58
CA LEU C 151 -13.74 17.98 2.53
C LEU C 151 -13.16 17.88 3.95
N GLU C 152 -13.61 18.81 4.78
CA GLU C 152 -13.30 18.81 6.20
C GLU C 152 -13.66 17.46 6.76
N GLU C 153 -14.87 17.01 6.44
CA GLU C 153 -15.38 15.76 6.93
C GLU C 153 -15.85 14.94 5.71
N GLU C 154 -15.16 13.83 5.46
CA GLU C 154 -15.36 13.01 4.29
C GLU C 154 -16.80 12.54 4.17
N ARG C 155 -17.42 12.15 5.27
CA ARG C 155 -18.83 11.79 5.23
C ARG C 155 -19.86 12.89 4.82
N LYS C 156 -19.49 14.15 4.77
CA LYS C 156 -20.37 15.21 4.24
C LYS C 156 -20.53 15.14 2.73
N ILE C 157 -19.89 14.17 2.08
CA ILE C 157 -20.13 13.88 0.72
C ILE C 157 -21.62 13.64 0.53
N ARG C 158 -22.29 13.12 1.55
CA ARG C 158 -23.73 12.93 1.48
C ARG C 158 -24.45 14.26 1.09
N GLU C 159 -24.18 15.33 1.87
CA GLU C 159 -24.80 16.65 1.68
C GLU C 159 -24.33 17.26 0.40
N VAL C 160 -23.05 17.06 0.07
CA VAL C 160 -22.50 17.54 -1.19
C VAL C 160 -23.15 16.87 -2.39
N LEU C 161 -23.40 15.57 -2.30
CA LEU C 161 -24.08 14.88 -3.41
C LEU C 161 -25.51 15.39 -3.66
N LEU C 162 -26.24 15.70 -2.59
CA LEU C 162 -27.57 16.28 -2.75
C LEU C 162 -27.47 17.71 -3.37
N LYS C 163 -26.52 18.53 -2.94
CA LYS C 163 -26.32 19.80 -3.68
C LYS C 163 -25.93 19.63 -5.16
N LEU C 164 -25.08 18.64 -5.47
CA LEU C 164 -24.71 18.43 -6.84
C LEU C 164 -25.93 18.06 -7.67
N ASN C 165 -26.78 17.19 -7.11
CA ASN C 165 -27.97 16.67 -7.81
C ASN C 165 -28.87 17.82 -8.22
N THR C 166 -29.04 18.79 -7.33
CA THR C 166 -29.90 19.91 -7.60
C THR C 166 -29.37 20.73 -8.80
N ILE C 167 -28.06 20.99 -8.88
CA ILE C 167 -27.57 21.72 -10.01
C ILE C 167 -27.52 20.89 -11.30
N LEU C 168 -27.25 19.59 -11.27
CA LEU C 168 -27.38 18.74 -12.47
C LEU C 168 -28.77 18.79 -13.13
N LEU C 169 -29.81 18.67 -12.32
CA LEU C 169 -31.19 18.72 -12.76
C LEU C 169 -31.47 20.09 -13.44
N GLU C 170 -30.95 21.16 -12.86
CA GLU C 170 -31.15 22.51 -13.41
C GLU C 170 -30.46 22.67 -14.73
N GLY C 172 -29.57 20.32 -16.86
CA GLY C 172 -30.03 19.43 -17.90
C GLY C 172 -28.99 18.96 -18.91
N VAL C 173 -27.69 18.84 -18.54
CA VAL C 173 -26.69 18.29 -19.48
C VAL C 173 -26.55 16.77 -19.32
N THR C 174 -25.86 16.12 -20.22
CA THR C 174 -25.70 14.69 -20.11
C THR C 174 -24.38 14.51 -19.43
N THR C 175 -24.38 13.88 -18.27
CA THR C 175 -23.27 13.86 -17.35
C THR C 175 -22.78 12.46 -17.00
N ILE C 176 -21.44 12.25 -16.97
CA ILE C 176 -20.80 11.11 -16.30
C ILE C 176 -20.11 11.55 -14.98
N LEU C 177 -20.44 10.88 -13.89
CA LEU C 177 -19.79 11.02 -12.59
C LEU C 177 -19.07 9.73 -12.35
N THR C 178 -17.84 9.82 -11.87
CA THR C 178 -17.06 8.61 -11.61
C THR C 178 -16.93 8.39 -10.14
N THR C 179 -16.95 7.13 -9.73
CA THR C 179 -16.65 6.76 -8.36
C THR C 179 -15.88 5.43 -8.35
N GLU C 180 -15.27 5.12 -7.21
CA GLU C 180 -14.36 3.98 -7.16
C GLU C 180 -14.54 3.12 -5.89
N ALA C 181 -15.01 1.88 -6.09
CA ALA C 181 -14.93 0.71 -5.14
C ALA C 181 -14.37 -0.61 -5.83
N PRO C 182 -13.85 -1.58 -5.07
CA PRO C 182 -13.18 -2.77 -5.67
C PRO C 182 -13.99 -3.61 -6.69
N GLY C 187 -19.34 -6.71 -4.34
CA GLY C 187 -20.43 -6.25 -3.48
C GLY C 187 -20.86 -4.80 -3.70
N LYS C 188 -20.12 -3.86 -3.07
CA LYS C 188 -20.45 -2.43 -3.21
C LYS C 188 -20.46 -1.91 -4.68
N LEU C 189 -21.51 -1.22 -5.08
CA LEU C 189 -21.52 -0.56 -6.40
C LEU C 189 -20.66 0.71 -6.40
N SER C 190 -20.63 1.39 -5.27
CA SER C 190 -19.92 2.67 -5.15
C SER C 190 -19.11 2.75 -3.86
N ARG C 191 -18.34 3.81 -3.73
CA ARG C 191 -17.50 4.03 -2.59
C ARG C 191 -18.33 4.33 -1.37
N TYR C 192 -19.33 5.22 -1.49
CA TYR C 192 -20.08 5.74 -0.31
C TYR C 192 -21.46 5.15 -0.08
N GLY C 193 -22.02 4.50 -1.09
CA GLY C 193 -23.38 3.95 -1.00
C GLY C 193 -24.45 4.97 -1.29
N ILE C 194 -24.06 6.10 -1.85
CA ILE C 194 -24.95 7.27 -2.04
C ILE C 194 -24.98 7.69 -3.52
N GLU C 195 -23.83 7.58 -4.18
CA GLU C 195 -23.65 8.09 -5.51
C GLU C 195 -24.75 7.60 -6.47
N GLU C 196 -25.11 6.32 -6.38
CA GLU C 196 -26.16 5.72 -7.24
C GLU C 196 -27.56 6.34 -7.07
N PHE C 197 -27.85 6.94 -5.91
CA PHE C 197 -29.11 7.66 -5.71
C PHE C 197 -29.24 9.00 -6.47
N ILE C 198 -28.17 9.53 -7.07
CA ILE C 198 -28.32 10.73 -7.91
C ILE C 198 -28.08 10.43 -9.38
N ALA C 199 -28.08 9.15 -9.75
CA ALA C 199 -27.80 8.78 -11.13
C ALA C 199 -28.93 7.92 -11.67
N ARG C 200 -29.28 8.12 -12.92
CA ARG C 200 -30.35 7.38 -13.58
C ARG C 200 -29.77 6.36 -14.54
N GLY C 201 -28.45 6.31 -14.62
CA GLY C 201 -27.71 5.28 -15.36
C GLY C 201 -26.53 4.80 -14.51
N VAL C 202 -26.17 3.51 -14.58
CA VAL C 202 -24.93 2.99 -13.94
C VAL C 202 -24.17 2.05 -14.88
N ILE C 203 -22.91 2.34 -15.07
CA ILE C 203 -22.00 1.56 -15.88
C ILE C 203 -20.87 1.08 -14.95
N VAL C 204 -20.60 -0.24 -14.98
CA VAL C 204 -19.49 -0.85 -14.26
C VAL C 204 -18.38 -1.26 -15.20
N LEU C 205 -17.17 -0.85 -14.88
CA LEU C 205 -15.94 -1.26 -15.49
C LEU C 205 -15.26 -2.16 -14.51
N ASP C 206 -14.76 -3.29 -14.99
CA ASP C 206 -14.18 -4.31 -14.12
C ASP C 206 -12.97 -4.96 -14.81
N LEU C 207 -12.17 -5.64 -13.99
CA LEU C 207 -11.09 -6.52 -14.41
C LEU C 207 -11.37 -7.85 -13.79
N GLN C 208 -11.64 -8.85 -14.63
CA GLN C 208 -11.88 -10.20 -14.15
C GLN C 208 -10.60 -11.04 -14.15
N GLU C 209 -10.54 -12.02 -13.26
CA GLU C 209 -9.33 -12.82 -13.04
C GLU C 209 -9.50 -14.12 -13.82
N LYS C 210 -8.75 -14.31 -14.89
CA LYS C 210 -8.80 -15.55 -15.67
C LYS C 210 -7.54 -15.72 -16.55
N ASN C 211 -6.59 -16.60 -16.23
CA ASN C 211 -6.39 -17.31 -14.96
C ASN C 211 -5.09 -16.84 -14.26
N ILE C 212 -4.13 -16.36 -15.07
CA ILE C 212 -3.04 -15.47 -14.63
C ILE C 212 -3.14 -14.11 -15.30
N GLU C 213 -4.28 -13.85 -15.99
CA GLU C 213 -4.54 -12.62 -16.79
C GLU C 213 -5.84 -11.87 -16.38
N LEU C 214 -5.75 -10.54 -16.21
CA LEU C 214 -6.94 -9.70 -15.94
C LEU C 214 -7.50 -9.13 -17.25
N LYS C 215 -8.71 -9.46 -17.66
CA LYS C 215 -9.26 -8.85 -18.91
C LYS C 215 -10.34 -7.83 -18.52
N ARG C 216 -10.51 -6.81 -19.33
CA ARG C 216 -11.45 -5.74 -19.01
C ARG C 216 -12.85 -6.03 -19.50
N TYR C 217 -13.80 -5.76 -18.64
CA TYR C 217 -15.21 -5.94 -18.94
C TYR C 217 -15.98 -4.66 -18.63
N VAL C 218 -16.98 -4.34 -19.44
CA VAL C 218 -18.02 -3.35 -19.13
C VAL C 218 -19.38 -4.00 -19.03
N LEU C 219 -20.20 -3.50 -18.11
CA LEU C 219 -21.57 -3.95 -17.96
C LEU C 219 -22.46 -2.71 -17.72
N ILE C 220 -23.56 -2.65 -18.43
CA ILE C 220 -24.58 -1.65 -18.14
C ILE C 220 -25.57 -2.25 -17.20
N ARG C 221 -25.55 -1.73 -15.97
CA ARG C 221 -26.30 -2.23 -14.83
C ARG C 221 -27.68 -1.58 -14.82
N LYS C 222 -27.74 -0.32 -15.22
CA LYS C 222 -28.95 0.50 -15.17
C LYS C 222 -28.84 1.60 -16.25
N ARG C 224 -31.78 4.56 -17.62
CA ARG C 224 -33.17 4.95 -17.71
C ARG C 224 -33.61 5.06 -19.16
N GLU C 225 -34.90 4.83 -19.40
CA GLU C 225 -35.52 4.97 -20.72
C GLU C 225 -34.88 4.11 -21.78
N THR C 226 -34.25 3.00 -21.39
CA THR C 226 -33.52 2.24 -22.37
C THR C 226 -33.61 0.76 -22.09
N ARG C 227 -33.91 -0.02 -23.11
CA ARG C 227 -33.80 -1.48 -23.10
C ARG C 227 -32.33 -1.72 -23.45
N HIS C 228 -31.46 -1.70 -22.43
CA HIS C 228 -29.99 -1.92 -22.62
C HIS C 228 -29.66 -3.38 -22.46
N SER C 229 -28.59 -3.82 -23.10
CA SER C 229 -28.07 -5.15 -22.92
C SER C 229 -27.67 -5.32 -21.43
N LYS C 231 -25.65 -8.06 -20.53
CA LYS C 231 -24.45 -8.90 -20.58
C LYS C 231 -23.15 -8.15 -20.28
N LYS C 232 -22.12 -8.89 -19.85
CA LYS C 232 -20.76 -8.40 -19.68
C LYS C 232 -20.13 -8.38 -21.07
N TYR C 233 -19.41 -7.30 -21.42
CA TYR C 233 -18.78 -7.16 -22.73
C TYR C 233 -17.29 -6.97 -22.56
N PRO C 234 -16.42 -7.71 -23.23
CA PRO C 234 -14.96 -7.42 -23.18
C PRO C 234 -14.59 -6.07 -23.73
N PHE C 235 -13.57 -5.43 -23.17
CA PHE C 235 -13.03 -4.25 -23.85
C PHE C 235 -11.56 -4.06 -23.71
N GLU C 236 -11.06 -3.19 -24.58
CA GLU C 236 -9.67 -2.84 -24.55
C GLU C 236 -9.50 -1.36 -24.52
N ILE C 237 -8.43 -0.96 -23.84
CA ILE C 237 -7.86 0.37 -23.93
C ILE C 237 -6.71 0.32 -24.91
N GLY C 238 -6.97 0.85 -26.10
CA GLY C 238 -6.03 0.76 -27.21
C GLY C 238 -5.33 2.08 -27.47
N PRO C 239 -4.46 2.13 -28.50
CA PRO C 239 -3.77 3.37 -28.87
C PRO C 239 -4.70 4.48 -29.27
N ASN C 240 -5.94 4.19 -29.64
CA ASN C 240 -6.93 5.23 -29.85
C ASN C 240 -8.05 5.18 -28.83
N GLY C 241 -7.80 4.79 -27.59
CA GLY C 241 -8.81 4.77 -26.53
C GLY C 241 -9.59 3.47 -26.37
N ILE C 242 -10.76 3.57 -25.73
CA ILE C 242 -11.57 2.40 -25.50
C ILE C 242 -12.22 1.91 -26.78
N VAL C 243 -12.22 0.59 -26.94
CA VAL C 243 -13.07 -0.12 -27.89
C VAL C 243 -13.74 -1.32 -27.16
N VAL C 244 -15.07 -1.38 -27.24
CA VAL C 244 -15.86 -2.45 -26.69
C VAL C 244 -16.17 -3.48 -27.78
N TYR C 245 -16.13 -4.77 -27.45
CA TYR C 245 -16.24 -5.87 -28.42
C TYR C 245 -17.52 -6.70 -28.22
N PRO C 246 -17.93 -7.56 -29.17
CA PRO C 246 -19.11 -8.43 -28.96
C PRO C 246 -19.14 -9.28 -27.67
#